data_3KU4
#
_entry.id   3KU4
#
_cell.length_a   74.108
_cell.length_b   74.108
_cell.length_c   266.932
_cell.angle_alpha   90.000
_cell.angle_beta   90.000
_cell.angle_gamma   90.000
#
_symmetry.space_group_name_H-M   'P 41'
#
loop_
_entity.id
_entity.type
_entity.pdbx_description
1 polymer 'Uridine phosphorylase'
2 non-polymer 'SULFATE ION'
3 water water
#
_entity_poly.entity_id   1
_entity_poly.type   'polypeptide(L)'
_entity_poly.pdbx_seq_one_letter_code
;MASTAAETEKPEDHNDLVQLCNPHIAAMKEDILYHFSLSTSTHDFPAMFGDVKFVCVGGSPSRMKAFIKYVAMELGFAHP
GADYPNICEGTDRYAMFKVGPVLSVSHGMGVPSIAIMLHELIKLLYHAHCSGVTLIRIGTSGGIGLEPGSVVITRQAVDP
CFKPEFEQIVLGKREVRNTDLDEQLVQELARCSAELGEFPTVVGNTMCTLDFYEGQGRLDGALCSYTEKDKQDYLRAAYA
AGIRNIEMEASVFAAMCNACGLRAAVVCVTLLNRLEGDQISSPHDVLAEYQQRPQRLVGQFIKKRLMQA
;
_entity_poly.pdbx_strand_id   A,B,C,D
#
# COMPACT_ATOMS: atom_id res chain seq x y z
N ASN A 15 -32.01 20.95 -30.92
CA ASN A 15 -32.79 20.24 -29.91
C ASN A 15 -33.33 18.89 -30.41
N ASP A 16 -32.58 18.24 -31.29
CA ASP A 16 -32.98 16.96 -31.86
C ASP A 16 -32.68 15.79 -30.92
N LEU A 17 -33.45 14.72 -31.04
CA LEU A 17 -33.23 13.52 -30.26
C LEU A 17 -31.96 12.81 -30.72
N VAL A 18 -31.21 12.26 -29.77
CA VAL A 18 -30.02 11.51 -30.08
C VAL A 18 -30.36 10.20 -30.82
N GLN A 19 -29.69 9.97 -31.95
CA GLN A 19 -29.92 8.75 -32.75
C GLN A 19 -28.65 7.91 -32.99
N LEU A 20 -28.85 6.64 -33.37
CA LEU A 20 -27.76 5.69 -33.56
C LEU A 20 -27.46 5.43 -35.04
N CYS A 21 -26.33 4.77 -35.30
CA CYS A 21 -26.03 4.26 -36.63
C CYS A 21 -25.96 2.74 -36.54
N ASN A 22 -26.87 2.19 -35.76
CA ASN A 22 -26.92 0.74 -35.58
C ASN A 22 -28.36 0.29 -35.34
N PRO A 23 -29.02 -0.19 -36.40
CA PRO A 23 -30.41 -0.67 -36.31
C PRO A 23 -30.57 -1.89 -35.41
N HIS A 24 -29.48 -2.58 -35.10
CA HIS A 24 -29.57 -3.76 -34.25
C HIS A 24 -30.03 -3.41 -32.84
N ILE A 25 -29.64 -2.23 -32.36
CA ILE A 25 -29.96 -1.81 -31.00
C ILE A 25 -31.46 -1.76 -30.75
N ALA A 26 -32.20 -1.28 -31.74
CA ALA A 26 -33.66 -1.13 -31.64
C ALA A 26 -34.35 -2.49 -31.64
N ALA A 27 -33.67 -3.50 -32.19
CA ALA A 27 -34.21 -4.86 -32.22
C ALA A 27 -33.90 -5.66 -30.95
N MET A 28 -33.07 -5.11 -30.07
CA MET A 28 -32.63 -5.91 -28.92
C MET A 28 -33.60 -5.79 -27.75
N LYS A 29 -33.90 -6.92 -27.13
CA LYS A 29 -34.80 -6.91 -25.99
C LYS A 29 -34.12 -6.26 -24.78
N GLU A 30 -32.81 -6.42 -24.71
CA GLU A 30 -32.03 -5.79 -23.65
C GLU A 30 -30.69 -5.30 -24.21
N ASP A 31 -30.36 -4.04 -23.94
CA ASP A 31 -29.06 -3.48 -24.28
C ASP A 31 -28.28 -3.27 -23.00
N ILE A 32 -27.24 -4.06 -22.80
CA ILE A 32 -26.40 -3.95 -21.63
C ILE A 32 -25.21 -3.07 -21.97
N LEU A 33 -24.93 -2.09 -21.12
CA LEU A 33 -23.77 -1.23 -21.28
C LEU A 33 -22.68 -1.76 -20.34
N TYR A 34 -21.91 -2.69 -20.87
CA TYR A 34 -21.08 -3.57 -20.05
C TYR A 34 -20.09 -2.83 -19.16
N HIS A 35 -19.55 -1.72 -19.64
CA HIS A 35 -18.50 -1.04 -18.89
C HIS A 35 -19.02 0.09 -18.00
N PHE A 36 -20.35 0.24 -17.95
CA PHE A 36 -21.00 1.18 -17.05
C PHE A 36 -21.82 0.43 -16.00
N SER A 37 -21.96 -0.88 -16.18
CA SER A 37 -22.84 -1.69 -15.34
C SER A 37 -24.25 -1.10 -15.35
N LEU A 38 -24.75 -0.83 -16.55
CA LEU A 38 -26.10 -0.33 -16.75
C LEU A 38 -26.75 -1.15 -17.84
N SER A 39 -28.07 -1.29 -17.78
CA SER A 39 -28.80 -2.04 -18.79
C SER A 39 -30.22 -1.51 -18.92
N THR A 40 -30.78 -1.65 -20.12
CA THR A 40 -32.14 -1.18 -20.37
C THR A 40 -33.19 -1.94 -19.55
N SER A 41 -32.84 -3.14 -19.07
CA SER A 41 -33.82 -3.90 -18.30
C SER A 41 -33.69 -3.69 -16.78
N THR A 42 -32.62 -3.04 -16.35
CA THR A 42 -32.37 -2.85 -14.94
C THR A 42 -32.44 -1.36 -14.58
N HIS A 43 -32.38 -0.49 -15.58
CA HIS A 43 -32.38 0.95 -15.33
C HIS A 43 -33.34 1.68 -16.25
N ASP A 44 -33.84 2.80 -15.75
CA ASP A 44 -34.76 3.65 -16.49
C ASP A 44 -33.95 4.83 -17.02
N PHE A 45 -33.53 4.74 -18.28
CA PHE A 45 -32.63 5.74 -18.87
C PHE A 45 -33.25 7.13 -19.00
N PRO A 46 -34.51 7.22 -19.46
CA PRO A 46 -35.11 8.57 -19.55
C PRO A 46 -35.20 9.23 -18.18
N ALA A 47 -35.57 8.48 -17.15
CA ALA A 47 -35.63 9.02 -15.79
C ALA A 47 -34.26 9.42 -15.27
N MET A 48 -33.26 8.58 -15.50
CA MET A 48 -31.90 8.82 -15.00
C MET A 48 -31.15 9.92 -15.75
N PHE A 49 -31.34 10.01 -17.07
CA PHE A 49 -30.48 10.87 -17.88
C PHE A 49 -31.22 11.74 -18.90
N GLY A 50 -32.55 11.69 -18.89
CA GLY A 50 -33.31 12.38 -19.92
C GLY A 50 -33.11 13.88 -19.97
N ASP A 51 -32.76 14.46 -18.83
CA ASP A 51 -32.52 15.90 -18.73
C ASP A 51 -31.08 16.31 -19.08
N VAL A 52 -30.22 15.34 -19.43
CA VAL A 52 -28.83 15.66 -19.77
C VAL A 52 -28.73 16.50 -21.05
N LYS A 53 -28.04 17.64 -20.96
CA LYS A 53 -27.85 18.49 -22.12
C LYS A 53 -26.36 18.68 -22.42
N PHE A 54 -25.53 18.50 -21.39
CA PHE A 54 -24.09 18.73 -21.50
C PHE A 54 -23.32 17.49 -21.04
N VAL A 55 -22.46 16.97 -21.91
CA VAL A 55 -21.64 15.82 -21.54
C VAL A 55 -20.19 16.22 -21.68
N CYS A 56 -19.47 16.20 -20.57
CA CYS A 56 -18.05 16.50 -20.60
C CYS A 56 -17.26 15.23 -20.35
N VAL A 57 -16.25 14.96 -21.18
CA VAL A 57 -15.44 13.74 -21.02
C VAL A 57 -13.94 14.05 -20.90
N GLY A 58 -13.19 13.14 -20.28
CA GLY A 58 -11.76 13.30 -20.11
C GLY A 58 -11.18 11.98 -19.62
N GLY A 59 -9.86 11.86 -19.62
CA GLY A 59 -9.23 10.57 -19.32
C GLY A 59 -9.49 9.95 -17.96
N SER A 60 -9.23 10.71 -16.89
CA SER A 60 -9.24 10.13 -15.55
C SER A 60 -10.49 10.40 -14.70
N PRO A 61 -10.92 9.38 -13.95
CA PRO A 61 -12.02 9.50 -12.99
C PRO A 61 -11.83 10.72 -12.06
N SER A 62 -10.61 10.95 -11.57
CA SER A 62 -10.43 12.07 -10.65
C SER A 62 -10.59 13.42 -11.34
N ARG A 63 -10.13 13.56 -12.59
CA ARG A 63 -10.38 14.81 -13.32
C ARG A 63 -11.88 15.05 -13.51
N MET A 64 -12.61 13.98 -13.79
CA MET A 64 -14.03 14.15 -14.11
C MET A 64 -14.90 14.33 -12.89
N LYS A 65 -14.48 13.76 -11.76
CA LYS A 65 -15.18 14.06 -10.51
C LYS A 65 -14.95 15.52 -10.08
N ALA A 66 -13.72 15.99 -10.22
CA ALA A 66 -13.42 17.37 -9.89
C ALA A 66 -14.19 18.30 -10.79
N PHE A 67 -14.40 17.90 -12.04
CA PHE A 67 -15.12 18.74 -12.98
C PHE A 67 -16.59 18.89 -12.54
N ILE A 68 -17.19 17.79 -12.10
CA ILE A 68 -18.58 17.81 -11.68
C ILE A 68 -18.79 18.62 -10.38
N LYS A 69 -17.86 18.51 -9.44
CA LYS A 69 -17.91 19.32 -8.23
C LYS A 69 -17.76 20.80 -8.59
N TYR A 70 -16.79 21.10 -9.44
CA TYR A 70 -16.59 22.47 -9.88
C TYR A 70 -17.85 23.09 -10.50
N VAL A 71 -18.45 22.40 -11.46
CA VAL A 71 -19.61 22.98 -12.14
C VAL A 71 -20.85 22.98 -11.25
N ALA A 72 -20.90 22.05 -10.30
CA ALA A 72 -21.98 22.04 -9.33
C ALA A 72 -21.97 23.36 -8.57
N MET A 73 -20.79 23.74 -8.07
CA MET A 73 -20.57 25.02 -7.40
C MET A 73 -20.92 26.18 -8.33
N GLU A 74 -20.23 26.27 -9.47
CA GLU A 74 -20.42 27.37 -10.42
C GLU A 74 -21.87 27.57 -10.85
N LEU A 75 -22.63 26.48 -10.89
CA LEU A 75 -24.00 26.53 -11.39
C LEU A 75 -25.03 26.76 -10.28
N GLY A 76 -24.58 26.72 -9.03
CA GLY A 76 -25.47 27.01 -7.91
C GLY A 76 -26.24 25.79 -7.46
N PHE A 77 -25.69 24.61 -7.74
CA PHE A 77 -26.29 23.36 -7.30
C PHE A 77 -25.60 22.89 -6.03
N ALA A 78 -24.37 23.37 -5.84
CA ALA A 78 -23.57 23.00 -4.67
C ALA A 78 -24.30 23.30 -3.37
N HIS A 79 -23.86 22.68 -2.29
CA HIS A 79 -24.55 22.83 -1.00
C HIS A 79 -23.74 22.25 0.14
N PRO A 80 -23.41 23.09 1.12
CA PRO A 80 -22.65 22.66 2.29
C PRO A 80 -23.52 22.69 3.55
N ASP A 83 -22.40 12.51 -1.76
CA ASP A 83 -22.23 13.85 -2.33
C ASP A 83 -22.39 13.82 -3.85
N TYR A 84 -21.32 13.39 -4.55
CA TYR A 84 -21.36 13.19 -5.99
C TYR A 84 -20.95 11.75 -6.32
N PRO A 85 -21.93 10.83 -6.29
CA PRO A 85 -21.66 9.39 -6.39
C PRO A 85 -21.30 8.97 -7.79
N ASN A 86 -20.38 8.03 -7.90
CA ASN A 86 -20.09 7.40 -9.17
C ASN A 86 -21.35 6.63 -9.58
N ILE A 87 -21.82 6.90 -10.79
CA ILE A 87 -22.98 6.19 -11.33
C ILE A 87 -22.58 4.78 -11.75
N CYS A 88 -21.31 4.63 -12.11
CA CYS A 88 -20.78 3.32 -12.51
C CYS A 88 -20.34 2.58 -11.26
N GLU A 89 -20.10 1.28 -11.39
CA GLU A 89 -19.55 0.54 -10.27
C GLU A 89 -18.06 0.85 -10.13
N GLY A 90 -17.59 0.94 -8.89
CA GLY A 90 -16.21 1.28 -8.61
C GLY A 90 -15.25 0.38 -9.37
N THR A 91 -15.73 -0.81 -9.69
CA THR A 91 -14.98 -1.83 -10.41
C THR A 91 -14.94 -1.57 -11.93
N ASP A 92 -15.83 -0.73 -12.44
CA ASP A 92 -15.88 -0.44 -13.88
C ASP A 92 -14.66 0.37 -14.35
N ARG A 93 -14.37 0.30 -15.65
CA ARG A 93 -13.20 1.01 -16.15
C ARG A 93 -13.49 2.48 -16.41
N TYR A 94 -14.76 2.86 -16.36
CA TYR A 94 -15.13 4.28 -16.54
C TYR A 94 -15.90 4.75 -15.33
N ALA A 95 -15.74 6.03 -14.99
CA ALA A 95 -16.53 6.62 -13.93
C ALA A 95 -17.48 7.63 -14.55
N MET A 96 -18.59 7.90 -13.87
CA MET A 96 -19.62 8.77 -14.41
C MET A 96 -20.33 9.52 -13.28
N PHE A 97 -20.48 10.84 -13.44
CA PHE A 97 -21.09 11.68 -12.41
C PHE A 97 -22.09 12.64 -13.02
N LYS A 98 -23.17 12.92 -12.30
CA LYS A 98 -24.21 13.79 -12.83
C LYS A 98 -24.59 14.87 -11.82
N VAL A 99 -24.75 16.11 -12.30
CA VAL A 99 -25.46 17.14 -11.55
C VAL A 99 -26.31 17.95 -12.51
N GLY A 100 -27.61 17.95 -12.26
CA GLY A 100 -28.54 18.66 -13.11
C GLY A 100 -28.43 18.17 -14.53
N PRO A 101 -28.32 19.10 -15.49
CA PRO A 101 -28.25 18.69 -16.90
C PRO A 101 -26.83 18.38 -17.36
N VAL A 102 -25.88 18.31 -16.43
CA VAL A 102 -24.48 18.03 -16.78
C VAL A 102 -24.05 16.62 -16.41
N LEU A 103 -23.52 15.90 -17.40
CA LEU A 103 -23.02 14.54 -17.17
C LEU A 103 -21.52 14.53 -17.41
N SER A 104 -20.78 13.90 -16.51
CA SER A 104 -19.32 13.82 -16.59
C SER A 104 -18.86 12.37 -16.64
N VAL A 105 -18.09 12.00 -17.66
CA VAL A 105 -17.65 10.61 -17.84
C VAL A 105 -16.16 10.53 -18.14
N SER A 106 -15.43 9.61 -17.48
CA SER A 106 -14.03 9.37 -17.81
C SER A 106 -13.93 8.34 -18.95
N HIS A 107 -12.83 8.36 -19.70
CA HIS A 107 -12.72 7.48 -20.87
C HIS A 107 -11.40 6.70 -20.94
N GLY A 108 -10.53 6.88 -19.95
CA GLY A 108 -9.28 6.13 -19.91
C GLY A 108 -8.31 6.57 -21.00
N MET A 109 -7.21 5.85 -21.19
CA MET A 109 -6.20 6.34 -22.12
C MET A 109 -6.22 5.62 -23.46
N GLY A 110 -6.09 6.39 -24.54
CA GLY A 110 -5.93 5.84 -25.86
C GLY A 110 -7.22 5.64 -26.63
N VAL A 111 -7.10 5.70 -27.94
CA VAL A 111 -8.21 5.49 -28.85
C VAL A 111 -9.15 4.29 -28.54
N PRO A 112 -8.57 3.11 -28.25
CA PRO A 112 -9.45 1.95 -27.99
C PRO A 112 -10.31 2.13 -26.74
N SER A 113 -9.78 2.80 -25.70
CA SER A 113 -10.53 2.97 -24.47
C SER A 113 -11.63 4.01 -24.61
N ILE A 114 -11.32 5.14 -25.22
CA ILE A 114 -12.35 6.15 -25.43
C ILE A 114 -13.47 5.65 -26.35
N ALA A 115 -13.12 4.90 -27.40
CA ALA A 115 -14.12 4.39 -28.34
C ALA A 115 -15.18 3.52 -27.67
N ILE A 116 -14.73 2.63 -26.80
CA ILE A 116 -15.64 1.77 -26.05
C ILE A 116 -16.59 2.64 -25.22
N MET A 117 -16.02 3.56 -24.45
CA MET A 117 -16.82 4.46 -23.63
C MET A 117 -17.85 5.20 -24.49
N LEU A 118 -17.39 5.76 -25.62
CA LEU A 118 -18.29 6.51 -26.50
C LEU A 118 -19.42 5.67 -27.10
N HIS A 119 -19.11 4.42 -27.49
CA HIS A 119 -20.17 3.56 -27.99
C HIS A 119 -21.29 3.45 -26.97
N GLU A 120 -20.92 3.18 -25.72
CA GLU A 120 -21.88 2.97 -24.66
C GLU A 120 -22.54 4.27 -24.17
N LEU A 121 -21.80 5.36 -24.16
CA LEU A 121 -22.39 6.66 -23.82
C LEU A 121 -23.42 7.12 -24.85
N ILE A 122 -23.09 6.93 -26.14
CA ILE A 122 -24.02 7.36 -27.21
C ILE A 122 -25.32 6.54 -27.15
N LYS A 123 -25.19 5.21 -26.93
CA LYS A 123 -26.37 4.38 -26.70
C LYS A 123 -27.17 4.84 -25.47
N LEU A 124 -26.47 5.18 -24.39
CA LEU A 124 -27.11 5.74 -23.20
C LEU A 124 -27.95 6.99 -23.54
N LEU A 125 -27.34 7.95 -24.21
CA LEU A 125 -28.08 9.17 -24.54
C LEU A 125 -29.30 8.83 -25.41
N TYR A 126 -29.16 7.83 -26.28
CA TYR A 126 -30.26 7.40 -27.13
C TYR A 126 -31.39 6.79 -26.33
N HIS A 127 -31.04 5.89 -25.42
CA HIS A 127 -32.01 5.27 -24.54
C HIS A 127 -32.71 6.28 -23.65
N ALA A 128 -32.00 7.36 -23.29
CA ALA A 128 -32.59 8.35 -22.39
C ALA A 128 -33.45 9.37 -23.13
N HIS A 129 -33.44 9.28 -24.46
CA HIS A 129 -34.15 10.24 -25.31
C HIS A 129 -33.66 11.67 -25.07
N CYS A 130 -32.35 11.83 -24.87
CA CYS A 130 -31.78 13.16 -24.72
C CYS A 130 -31.91 13.98 -26.00
N SER A 131 -31.97 15.30 -25.86
CA SER A 131 -32.07 16.16 -27.04
C SER A 131 -31.26 17.44 -26.85
N GLY A 132 -30.83 18.03 -27.96
CA GLY A 132 -30.03 19.24 -27.91
C GLY A 132 -28.77 19.04 -27.07
N VAL A 133 -28.11 17.91 -27.27
CA VAL A 133 -26.97 17.59 -26.43
C VAL A 133 -25.67 18.17 -26.99
N THR A 134 -24.76 18.58 -26.11
CA THR A 134 -23.41 18.96 -26.51
C THR A 134 -22.37 18.08 -25.82
N LEU A 135 -21.41 17.56 -26.60
CA LEU A 135 -20.31 16.76 -26.03
C LEU A 135 -18.98 17.49 -26.15
N ILE A 136 -18.21 17.51 -25.05
CA ILE A 136 -16.94 18.20 -25.05
C ILE A 136 -15.88 17.41 -24.31
N ARG A 137 -14.77 17.09 -25.00
CA ARG A 137 -13.62 16.46 -24.35
C ARG A 137 -12.69 17.52 -23.77
N ILE A 138 -12.32 17.37 -22.50
CA ILE A 138 -11.35 18.25 -21.86
C ILE A 138 -10.09 17.45 -21.51
N GLY A 139 -8.94 18.10 -21.52
CA GLY A 139 -7.71 17.41 -21.15
C GLY A 139 -6.46 18.25 -21.35
N THR A 140 -5.30 17.59 -21.28
CA THR A 140 -4.03 18.29 -21.47
C THR A 140 -3.40 17.81 -22.76
N SER A 141 -2.33 18.47 -23.18
CA SER A 141 -1.75 18.20 -24.49
C SER A 141 -0.37 18.85 -24.60
N GLY A 142 0.39 18.43 -25.60
CA GLY A 142 1.67 19.04 -25.89
C GLY A 142 1.47 20.09 -26.96
N GLY A 143 1.84 21.33 -26.66
CA GLY A 143 1.68 22.42 -27.60
C GLY A 143 2.78 22.49 -28.65
N ILE A 144 2.45 23.14 -29.76
CA ILE A 144 3.44 23.47 -30.79
C ILE A 144 3.30 24.95 -31.16
N GLY A 145 4.35 25.74 -30.87
CA GLY A 145 4.37 27.15 -31.20
C GLY A 145 3.45 28.03 -30.37
N LEU A 146 3.09 27.57 -29.17
CA LEU A 146 2.28 28.36 -28.24
C LEU A 146 2.95 28.30 -26.88
N GLU A 147 2.80 29.36 -26.08
CA GLU A 147 3.27 29.34 -24.71
C GLU A 147 2.54 28.29 -23.86
N PRO A 148 3.27 27.63 -22.96
CA PRO A 148 2.63 26.65 -22.08
C PRO A 148 1.44 27.28 -21.38
N GLY A 149 0.39 26.51 -21.18
CA GLY A 149 -0.80 27.06 -20.55
C GLY A 149 -1.84 27.55 -21.52
N SER A 150 -1.50 27.67 -22.81
CA SER A 150 -2.47 28.07 -23.83
C SER A 150 -3.53 26.99 -23.99
N VAL A 151 -4.78 27.41 -24.13
CA VAL A 151 -5.87 26.50 -24.39
C VAL A 151 -6.12 26.45 -25.89
N VAL A 152 -6.20 25.23 -26.44
CA VAL A 152 -6.58 25.06 -27.85
C VAL A 152 -8.01 24.55 -27.95
N ILE A 153 -8.84 25.24 -28.72
CA ILE A 153 -10.14 24.72 -29.09
C ILE A 153 -9.92 24.12 -30.47
N THR A 154 -10.10 22.81 -30.55
CA THR A 154 -9.77 22.05 -31.77
C THR A 154 -10.75 22.28 -32.91
N ARG A 155 -10.22 22.72 -34.05
CA ARG A 155 -11.07 22.85 -35.25
C ARG A 155 -11.21 21.50 -35.97
N GLN A 156 -10.10 20.85 -36.27
CA GLN A 156 -10.12 19.49 -36.80
C GLN A 156 -9.14 18.67 -36.00
N ALA A 157 -9.56 17.48 -35.58
CA ALA A 157 -8.67 16.52 -34.98
C ALA A 157 -7.97 15.86 -36.14
N VAL A 158 -6.65 15.91 -36.16
CA VAL A 158 -5.94 15.51 -37.36
C VAL A 158 -5.04 14.31 -37.07
N ASP A 159 -4.80 13.47 -38.09
CA ASP A 159 -3.91 12.33 -37.93
C ASP A 159 -2.45 12.74 -38.08
N PRO A 160 -1.50 11.83 -37.82
CA PRO A 160 -0.08 12.20 -37.87
C PRO A 160 0.42 12.58 -39.27
N CYS A 161 -0.40 12.43 -40.30
CA CYS A 161 -0.08 12.99 -41.62
C CYS A 161 -0.85 14.29 -41.88
N PHE A 162 -1.42 14.86 -40.81
CA PHE A 162 -2.10 16.15 -40.86
C PHE A 162 -3.47 16.10 -41.56
N LYS A 163 -3.99 14.91 -41.79
CA LYS A 163 -5.29 14.78 -42.46
C LYS A 163 -6.41 14.73 -41.42
N PRO A 164 -7.55 15.42 -41.69
CA PRO A 164 -8.74 15.40 -40.86
C PRO A 164 -9.59 14.18 -41.12
N GLU A 165 -8.96 13.00 -41.03
CA GLU A 165 -9.63 11.72 -41.21
C GLU A 165 -9.22 10.80 -40.09
N PHE A 166 -10.14 9.92 -39.70
CA PHE A 166 -9.83 8.85 -38.78
C PHE A 166 -10.23 7.51 -39.42
N GLU A 167 -9.27 6.60 -39.49
CA GLU A 167 -9.50 5.33 -40.17
C GLU A 167 -9.75 4.21 -39.17
N GLN A 168 -10.71 3.35 -39.47
CA GLN A 168 -10.73 2.07 -38.80
C GLN A 168 -11.15 0.94 -39.71
N ILE A 169 -10.72 -0.28 -39.36
CA ILE A 169 -11.04 -1.46 -40.15
C ILE A 169 -12.29 -2.16 -39.61
N VAL A 170 -13.27 -2.34 -40.48
CA VAL A 170 -14.51 -3.01 -40.11
C VAL A 170 -14.72 -4.27 -40.95
N LEU A 171 -14.29 -5.40 -40.42
CA LEU A 171 -14.41 -6.68 -41.12
C LEU A 171 -13.26 -6.87 -42.10
N GLY A 172 -12.16 -6.16 -41.85
CA GLY A 172 -10.99 -6.24 -42.71
C GLY A 172 -10.97 -5.16 -43.77
N LYS A 173 -11.95 -4.27 -43.75
CA LYS A 173 -12.00 -3.16 -44.71
C LYS A 173 -11.86 -1.81 -44.01
N ARG A 174 -11.13 -0.90 -44.64
CA ARG A 174 -10.95 0.45 -44.11
C ARG A 174 -12.21 1.33 -44.25
N GLU A 175 -12.56 2.01 -43.17
CA GLU A 175 -13.62 3.01 -43.21
C GLU A 175 -13.05 4.33 -42.70
N VAL A 176 -13.21 5.40 -43.47
CA VAL A 176 -12.66 6.70 -43.08
C VAL A 176 -13.75 7.71 -42.73
N ARG A 177 -13.60 8.33 -41.56
CA ARG A 177 -14.57 9.30 -41.06
C ARG A 177 -13.92 10.68 -40.90
N ASN A 178 -14.65 11.72 -41.29
CA ASN A 178 -14.17 13.07 -41.12
C ASN A 178 -14.10 13.43 -39.65
N THR A 179 -13.08 14.20 -39.28
CA THR A 179 -12.89 14.60 -37.87
C THR A 179 -13.00 16.10 -37.60
N ASP A 180 -13.80 16.80 -38.41
CA ASP A 180 -14.10 18.20 -38.11
C ASP A 180 -14.86 18.25 -36.81
N LEU A 181 -14.55 19.21 -35.95
CA LEU A 181 -15.42 19.46 -34.82
C LEU A 181 -16.51 20.46 -35.21
N ASP A 182 -17.56 20.58 -34.39
CA ASP A 182 -18.68 21.46 -34.73
C ASP A 182 -18.23 22.92 -34.80
N GLU A 183 -18.40 23.53 -35.98
CA GLU A 183 -17.81 24.84 -36.27
C GLU A 183 -18.42 25.97 -35.44
N GLN A 184 -19.75 25.99 -35.34
CA GLN A 184 -20.42 27.01 -34.56
C GLN A 184 -20.04 26.86 -33.09
N LEU A 185 -19.86 25.62 -32.65
CA LEU A 185 -19.45 25.32 -31.29
C LEU A 185 -18.03 25.81 -30.97
N VAL A 186 -17.10 25.71 -31.92
CA VAL A 186 -15.76 26.22 -31.63
C VAL A 186 -15.79 27.73 -31.49
N GLN A 187 -16.54 28.42 -32.35
CA GLN A 187 -16.66 29.87 -32.25
C GLN A 187 -17.26 30.32 -30.92
N GLU A 188 -18.30 29.62 -30.49
CA GLU A 188 -18.97 29.91 -29.23
C GLU A 188 -18.05 29.74 -28.03
N LEU A 189 -17.26 28.66 -28.05
CA LEU A 189 -16.28 28.42 -27.00
C LEU A 189 -15.21 29.51 -27.04
N ALA A 190 -14.84 29.94 -28.23
CA ALA A 190 -13.88 31.04 -28.34
C ALA A 190 -14.41 32.33 -27.68
N ARG A 191 -15.70 32.62 -27.92
CA ARG A 191 -16.32 33.80 -27.33
C ARG A 191 -16.41 33.66 -25.83
N CYS A 192 -16.66 32.45 -25.36
CA CYS A 192 -16.75 32.19 -23.92
C CYS A 192 -15.43 32.48 -23.23
N SER A 193 -14.35 32.04 -23.86
CA SER A 193 -13.02 32.25 -23.32
C SER A 193 -12.64 33.74 -23.31
N ALA A 194 -13.07 34.47 -24.34
CA ALA A 194 -12.82 35.92 -24.40
C ALA A 194 -13.49 36.61 -23.22
N GLU A 195 -14.68 36.12 -22.86
CA GLU A 195 -15.45 36.68 -21.76
C GLU A 195 -14.73 36.50 -20.43
N LEU A 196 -14.01 35.38 -20.30
CA LEU A 196 -13.25 35.12 -19.09
C LEU A 196 -12.02 36.02 -18.98
N GLY A 197 -11.29 36.16 -20.07
CA GLY A 197 -10.07 36.96 -20.06
C GLY A 197 -9.01 36.50 -19.08
N GLU A 198 -8.86 35.17 -18.94
CA GLU A 198 -7.96 34.63 -17.91
C GLU A 198 -6.74 33.88 -18.44
N PHE A 199 -6.75 33.51 -19.72
CA PHE A 199 -5.66 32.76 -20.32
C PHE A 199 -5.81 32.77 -21.82
N PRO A 200 -4.70 32.63 -22.55
CA PRO A 200 -4.70 32.60 -24.02
C PRO A 200 -5.43 31.38 -24.56
N THR A 201 -6.28 31.61 -25.56
CA THR A 201 -7.03 30.54 -26.20
C THR A 201 -7.03 30.75 -27.71
N VAL A 202 -6.63 29.72 -28.45
CA VAL A 202 -6.59 29.79 -29.90
C VAL A 202 -7.40 28.67 -30.53
N VAL A 203 -7.94 28.95 -31.72
CA VAL A 203 -8.54 27.90 -32.52
C VAL A 203 -7.44 27.32 -33.39
N GLY A 204 -7.24 26.00 -33.31
CA GLY A 204 -6.22 25.34 -34.11
C GLY A 204 -6.56 23.88 -34.34
N ASN A 205 -5.79 23.19 -35.17
CA ASN A 205 -6.01 21.76 -35.35
C ASN A 205 -5.25 20.99 -34.27
N THR A 206 -5.72 19.79 -33.99
CA THR A 206 -5.12 18.96 -32.95
C THR A 206 -4.72 17.64 -33.56
N MET A 207 -3.45 17.30 -33.45
CA MET A 207 -2.97 16.02 -33.96
C MET A 207 -3.12 14.93 -32.92
N CYS A 208 -3.80 13.85 -33.29
CA CYS A 208 -4.04 12.74 -32.38
C CYS A 208 -3.22 11.53 -32.85
N THR A 209 -2.40 10.97 -31.96
CA THR A 209 -1.54 9.83 -32.32
C THR A 209 -1.91 8.57 -31.55
N LEU A 210 -1.64 7.42 -32.14
CA LEU A 210 -1.91 6.14 -31.52
C LEU A 210 -0.80 5.77 -30.57
N ASP A 211 0.35 6.39 -30.73
CA ASP A 211 1.52 6.01 -29.95
C ASP A 211 2.21 7.23 -29.35
N PHE A 212 2.63 7.11 -28.10
CA PHE A 212 3.22 8.23 -27.37
C PHE A 212 4.73 8.40 -27.64
N TYR A 213 5.51 7.32 -27.57
CA TYR A 213 6.96 7.46 -27.73
C TYR A 213 7.47 7.69 -29.16
N GLU A 214 7.12 6.80 -30.09
CA GLU A 214 7.53 6.99 -31.48
C GLU A 214 6.51 7.78 -32.29
N GLY A 215 5.25 7.68 -31.92
CA GLY A 215 4.19 8.36 -32.65
C GLY A 215 4.18 9.86 -32.49
N GLN A 216 4.68 10.36 -31.37
CA GLN A 216 4.81 11.81 -31.18
C GLN A 216 6.24 12.32 -31.41
N GLY A 217 7.08 11.45 -31.96
CA GLY A 217 8.46 11.80 -32.24
C GLY A 217 9.29 12.13 -31.01
N ARG A 218 9.01 11.48 -29.88
CA ARG A 218 9.86 11.69 -28.72
C ARG A 218 11.21 10.97 -28.91
N LEU A 219 12.19 11.37 -28.12
CA LEU A 219 13.54 10.79 -28.23
C LEU A 219 13.89 9.84 -27.09
N ASP A 220 12.93 9.59 -26.21
CA ASP A 220 13.21 8.88 -24.96
C ASP A 220 12.47 7.55 -24.80
N GLY A 221 12.01 6.99 -25.92
CA GLY A 221 11.46 5.65 -25.89
C GLY A 221 12.56 4.60 -25.94
N ALA A 222 12.16 3.33 -25.89
CA ALA A 222 13.12 2.25 -26.03
C ALA A 222 13.53 2.13 -27.50
N LEU A 223 12.70 2.67 -28.39
CA LEU A 223 12.97 2.62 -29.82
C LEU A 223 12.87 4.01 -30.44
N CYS A 224 13.97 4.46 -31.06
CA CYS A 224 14.01 5.76 -31.71
C CYS A 224 15.05 5.76 -32.82
N SER A 225 14.59 5.89 -34.06
CA SER A 225 15.49 5.86 -35.21
C SER A 225 15.83 7.26 -35.75
N TYR A 226 15.38 8.31 -35.06
CA TYR A 226 15.52 9.67 -35.59
C TYR A 226 16.22 10.60 -34.61
N THR A 227 16.45 11.84 -35.02
CA THR A 227 17.14 12.80 -34.14
C THR A 227 16.26 13.99 -33.75
N GLU A 228 16.78 14.80 -32.82
CA GLU A 228 16.10 16.02 -32.40
C GLU A 228 15.82 16.91 -33.61
N LYS A 229 16.75 16.93 -34.56
CA LYS A 229 16.54 17.70 -35.78
C LYS A 229 15.37 17.15 -36.60
N ASP A 230 15.29 15.83 -36.72
CA ASP A 230 14.19 15.21 -37.45
C ASP A 230 12.86 15.57 -36.82
N LYS A 231 12.83 15.53 -35.49
CA LYS A 231 11.60 15.79 -34.75
C LYS A 231 11.14 17.21 -34.99
N GLN A 232 12.09 18.15 -34.94
CA GLN A 232 11.78 19.56 -35.15
C GLN A 232 11.17 19.81 -36.52
N ASP A 233 11.81 19.26 -37.55
CA ASP A 233 11.33 19.43 -38.92
C ASP A 233 9.91 18.94 -39.09
N TYR A 234 9.53 17.95 -38.29
CA TYR A 234 8.19 17.38 -38.36
C TYR A 234 7.19 18.27 -37.62
N LEU A 235 7.58 18.70 -36.43
CA LEU A 235 6.77 19.61 -35.63
C LEU A 235 6.55 20.95 -36.33
N ARG A 236 7.59 21.47 -36.97
CA ARG A 236 7.46 22.70 -37.74
C ARG A 236 6.53 22.48 -38.92
N ALA A 237 6.66 21.33 -39.57
CA ALA A 237 5.75 20.97 -40.65
C ALA A 237 4.29 20.88 -40.16
N ALA A 238 4.09 20.31 -38.98
CA ALA A 238 2.75 20.22 -38.40
C ALA A 238 2.19 21.62 -38.13
N TYR A 239 3.04 22.49 -37.58
CA TYR A 239 2.61 23.86 -37.28
C TYR A 239 2.16 24.54 -38.56
N ALA A 240 2.98 24.44 -39.60
CA ALA A 240 2.68 25.04 -40.89
C ALA A 240 1.35 24.54 -41.44
N ALA A 241 0.94 23.35 -41.04
CA ALA A 241 -0.33 22.79 -41.49
C ALA A 241 -1.52 23.19 -40.61
N GLY A 242 -1.29 24.03 -39.62
CA GLY A 242 -2.35 24.54 -38.75
C GLY A 242 -2.52 23.84 -37.40
N ILE A 243 -1.67 22.87 -37.11
CA ILE A 243 -1.71 22.13 -35.84
C ILE A 243 -1.03 22.89 -34.70
N ARG A 244 -1.70 22.94 -33.56
CA ARG A 244 -1.19 23.70 -32.43
C ARG A 244 -0.96 22.85 -31.19
N ASN A 245 -1.48 21.63 -31.21
CA ASN A 245 -1.27 20.71 -30.10
C ASN A 245 -1.41 19.23 -30.47
N ILE A 246 -0.97 18.37 -29.57
CA ILE A 246 -0.91 16.93 -29.82
C ILE A 246 -1.45 16.20 -28.61
N GLU A 247 -2.38 15.29 -28.86
CA GLU A 247 -2.84 14.41 -27.79
C GLU A 247 -3.24 13.05 -28.35
N MET A 248 -4.02 12.25 -27.62
CA MET A 248 -4.18 10.85 -28.02
C MET A 248 -5.60 10.31 -28.02
N GLU A 249 -6.62 11.16 -27.91
CA GLU A 249 -8.01 10.70 -27.97
C GLU A 249 -8.96 11.53 -28.87
N ALA A 250 -8.50 12.64 -29.42
CA ALA A 250 -9.40 13.57 -30.11
C ALA A 250 -10.02 13.03 -31.40
N SER A 251 -9.22 12.28 -32.16
CA SER A 251 -9.67 11.81 -33.46
C SER A 251 -10.90 10.88 -33.41
N VAL A 252 -10.87 9.82 -32.60
CA VAL A 252 -12.05 8.95 -32.52
C VAL A 252 -13.26 9.70 -32.04
N PHE A 253 -13.04 10.58 -31.08
CA PHE A 253 -14.12 11.34 -30.46
C PHE A 253 -14.83 12.16 -31.53
N ALA A 254 -14.06 12.95 -32.27
CA ALA A 254 -14.58 13.74 -33.37
C ALA A 254 -15.28 12.86 -34.42
N ALA A 255 -14.66 11.73 -34.76
CA ALA A 255 -15.21 10.87 -35.79
C ALA A 255 -16.54 10.26 -35.39
N MET A 256 -16.64 9.77 -34.16
CA MET A 256 -17.87 9.11 -33.71
C MET A 256 -19.02 10.08 -33.53
N CYS A 257 -18.73 11.26 -32.98
CA CYS A 257 -19.77 12.26 -32.80
C CYS A 257 -20.30 12.70 -34.18
N ASN A 258 -19.39 12.89 -35.13
CA ASN A 258 -19.75 13.20 -36.52
C ASN A 258 -20.64 12.12 -37.12
N ALA A 259 -20.25 10.86 -36.94
CA ALA A 259 -21.05 9.75 -37.45
C ALA A 259 -22.49 9.81 -36.93
N CYS A 260 -22.65 10.14 -35.66
CA CYS A 260 -23.95 10.09 -35.01
C CYS A 260 -24.68 11.43 -35.00
N GLY A 261 -24.10 12.41 -35.70
CA GLY A 261 -24.71 13.72 -35.81
C GLY A 261 -24.76 14.50 -34.51
N LEU A 262 -23.78 14.26 -33.63
CA LEU A 262 -23.73 14.95 -32.35
C LEU A 262 -22.80 16.16 -32.42
N ARG A 263 -23.19 17.24 -31.74
CA ARG A 263 -22.38 18.46 -31.69
C ARG A 263 -21.28 18.30 -30.64
N ALA A 264 -20.03 18.35 -31.08
CA ALA A 264 -18.93 18.02 -30.19
C ALA A 264 -17.79 19.02 -30.27
N ALA A 265 -17.07 19.19 -29.16
CA ALA A 265 -15.87 20.02 -29.13
C ALA A 265 -14.72 19.34 -28.37
N VAL A 266 -13.50 19.80 -28.61
CA VAL A 266 -12.33 19.37 -27.83
C VAL A 266 -11.61 20.60 -27.30
N VAL A 267 -11.37 20.61 -25.99
CA VAL A 267 -10.77 21.75 -25.30
C VAL A 267 -9.59 21.29 -24.43
N CYS A 268 -8.37 21.49 -24.92
CA CYS A 268 -7.20 21.02 -24.22
C CYS A 268 -6.21 22.14 -23.96
N VAL A 269 -5.68 22.17 -22.74
CA VAL A 269 -4.62 23.09 -22.38
C VAL A 269 -3.25 22.49 -22.72
N THR A 270 -2.31 23.33 -23.12
CA THR A 270 -0.96 22.84 -23.40
C THR A 270 -0.07 22.89 -22.14
N LEU A 271 0.74 21.86 -21.94
CA LEU A 271 1.60 21.84 -20.75
C LEU A 271 3.04 22.27 -21.04
N LEU A 272 3.37 22.39 -22.31
CA LEU A 272 4.70 22.76 -22.76
C LEU A 272 4.65 23.10 -24.24
N ASN A 273 5.70 23.74 -24.72
CA ASN A 273 5.87 24.03 -26.13
C ASN A 273 6.95 23.12 -26.65
N ARG A 274 6.55 22.07 -27.35
CA ARG A 274 7.48 21.05 -27.83
C ARG A 274 8.55 21.59 -28.77
N LEU A 275 8.36 22.81 -29.28
CA LEU A 275 9.40 23.41 -30.12
C LEU A 275 10.64 23.76 -29.29
N GLU A 276 10.44 23.84 -27.96
CA GLU A 276 11.50 24.14 -27.03
C GLU A 276 12.04 22.86 -26.39
N GLY A 277 11.70 21.71 -26.96
CA GLY A 277 12.08 20.44 -26.37
C GLY A 277 10.91 19.85 -25.58
N ASP A 278 11.11 18.64 -25.06
CA ASP A 278 10.04 17.96 -24.33
C ASP A 278 10.07 18.13 -22.82
N GLN A 279 10.91 19.02 -22.33
CA GLN A 279 10.95 19.29 -20.90
C GLN A 279 9.77 20.14 -20.45
N ILE A 280 9.06 19.66 -19.42
CA ILE A 280 7.98 20.41 -18.79
C ILE A 280 8.57 21.16 -17.61
N SER A 281 8.98 22.40 -17.84
CA SER A 281 9.74 23.13 -16.83
C SER A 281 8.90 24.03 -15.92
N SER A 282 7.60 24.15 -16.21
CA SER A 282 6.71 24.91 -15.34
C SER A 282 6.66 24.29 -13.95
N PRO A 283 6.65 25.13 -12.90
CA PRO A 283 6.59 24.71 -11.49
C PRO A 283 5.23 24.12 -11.14
N HIS A 284 5.19 23.26 -10.12
CA HIS A 284 3.99 22.54 -9.75
C HIS A 284 2.73 23.40 -9.62
N ASP A 285 2.86 24.56 -8.99
CA ASP A 285 1.73 25.45 -8.75
C ASP A 285 1.17 25.98 -10.07
N VAL A 286 2.07 26.30 -10.99
CA VAL A 286 1.66 26.77 -12.30
C VAL A 286 0.93 25.66 -13.06
N LEU A 287 1.49 24.46 -13.04
CA LEU A 287 0.84 23.33 -13.71
C LEU A 287 -0.57 23.08 -13.18
N ALA A 288 -0.75 23.18 -11.86
CA ALA A 288 -2.06 22.92 -11.25
C ALA A 288 -3.06 23.96 -11.77
N GLU A 289 -2.55 25.16 -12.01
CA GLU A 289 -3.34 26.21 -12.62
C GLU A 289 -3.69 25.87 -14.07
N TYR A 290 -2.68 25.50 -14.86
CA TYR A 290 -2.93 25.10 -16.25
C TYR A 290 -3.98 23.99 -16.33
N GLN A 291 -3.89 23.00 -15.44
CA GLN A 291 -4.75 21.82 -15.51
C GLN A 291 -6.25 22.14 -15.44
N GLN A 292 -6.62 23.24 -14.77
CA GLN A 292 -8.03 23.56 -14.55
C GLN A 292 -8.61 24.48 -15.62
N ARG A 293 -7.78 24.89 -16.58
CA ARG A 293 -8.23 25.85 -17.57
C ARG A 293 -9.30 25.31 -18.52
N PRO A 294 -9.16 24.06 -18.98
CA PRO A 294 -10.23 23.48 -19.80
C PRO A 294 -11.57 23.48 -19.05
N GLN A 295 -11.53 23.04 -17.79
CA GLN A 295 -12.72 23.02 -16.96
C GLN A 295 -13.36 24.40 -16.71
N ARG A 296 -12.54 25.44 -16.51
CA ARG A 296 -13.09 26.80 -16.36
C ARG A 296 -13.84 27.22 -17.62
N LEU A 297 -13.21 27.04 -18.76
CA LEU A 297 -13.82 27.41 -20.03
C LEU A 297 -15.16 26.70 -20.26
N VAL A 298 -15.16 25.39 -20.04
CA VAL A 298 -16.36 24.59 -20.27
C VAL A 298 -17.48 24.97 -19.30
N GLY A 299 -17.12 25.33 -18.09
CA GLY A 299 -18.08 25.77 -17.09
C GLY A 299 -18.72 27.10 -17.50
N GLN A 300 -17.95 27.98 -18.13
CA GLN A 300 -18.47 29.26 -18.60
C GLN A 300 -19.39 29.03 -19.80
N PHE A 301 -19.04 28.05 -20.63
CA PHE A 301 -19.91 27.67 -21.74
C PHE A 301 -21.25 27.17 -21.19
N ILE A 302 -21.20 26.34 -20.15
CA ILE A 302 -22.42 25.72 -19.63
C ILE A 302 -23.26 26.80 -18.92
N LYS A 303 -22.59 27.62 -18.12
CA LYS A 303 -23.22 28.73 -17.43
C LYS A 303 -23.99 29.65 -18.40
N LYS A 304 -23.33 30.02 -19.49
CA LYS A 304 -23.95 30.90 -20.48
C LYS A 304 -25.13 30.25 -21.19
N ARG A 305 -25.01 28.96 -21.50
CA ARG A 305 -26.11 28.22 -22.13
C ARG A 305 -27.34 28.15 -21.22
N LEU A 306 -27.12 28.00 -19.93
CA LEU A 306 -28.22 27.88 -18.97
C LEU A 306 -28.90 29.23 -18.70
N MET A 307 -28.17 30.32 -18.90
CA MET A 307 -28.70 31.66 -18.63
C MET A 307 -29.54 32.19 -19.79
N ASN B 15 22.12 -15.99 -23.14
CA ASN B 15 22.13 -15.07 -22.02
C ASN B 15 22.60 -13.68 -22.41
N ASP B 16 22.04 -13.17 -23.51
CA ASP B 16 22.41 -11.85 -23.98
C ASP B 16 21.77 -10.75 -23.14
N LEU B 17 22.49 -9.64 -23.01
CA LEU B 17 22.01 -8.46 -22.31
C LEU B 17 20.84 -7.87 -23.07
N VAL B 18 19.82 -7.39 -22.35
CA VAL B 18 18.75 -6.66 -23.02
C VAL B 18 19.27 -5.37 -23.63
N GLN B 19 19.04 -5.17 -24.92
CA GLN B 19 19.48 -3.94 -25.57
C GLN B 19 18.30 -3.07 -26.05
N LEU B 20 18.56 -1.78 -26.17
CA LEU B 20 17.61 -0.82 -26.72
C LEU B 20 17.87 -0.55 -28.19
N CYS B 21 16.87 0.02 -28.87
CA CYS B 21 17.06 0.55 -30.20
C CYS B 21 16.91 2.07 -30.12
N ASN B 22 17.59 2.68 -29.17
CA ASN B 22 17.56 4.13 -29.02
C ASN B 22 18.82 4.67 -28.37
N PRO B 23 19.76 5.15 -29.19
CA PRO B 23 21.06 5.67 -28.74
C PRO B 23 20.96 6.77 -27.71
N HIS B 24 19.81 7.44 -27.64
CA HIS B 24 19.65 8.58 -26.76
C HIS B 24 19.69 8.18 -25.29
N ILE B 25 19.22 6.98 -24.98
CA ILE B 25 19.05 6.58 -23.59
C ILE B 25 20.38 6.49 -22.83
N ALA B 26 21.35 5.83 -23.45
CA ALA B 26 22.65 5.67 -22.80
C ALA B 26 23.30 7.04 -22.54
N ALA B 27 22.96 8.02 -23.38
CA ALA B 27 23.58 9.34 -23.29
C ALA B 27 22.89 10.24 -22.25
N MET B 28 21.89 9.71 -21.57
CA MET B 28 21.15 10.51 -20.59
C MET B 28 21.79 10.42 -19.21
N LYS B 29 21.92 11.56 -18.55
CA LYS B 29 22.34 11.55 -17.16
C LYS B 29 21.25 10.88 -16.32
N GLU B 30 20.00 11.19 -16.62
CA GLU B 30 18.87 10.57 -15.91
C GLU B 30 17.82 10.06 -16.89
N ASP B 31 17.37 8.83 -16.68
CA ASP B 31 16.23 8.28 -17.44
C ASP B 31 15.03 8.11 -16.52
N ILE B 32 13.98 8.89 -16.78
CA ILE B 32 12.75 8.77 -16.01
C ILE B 32 11.71 7.91 -16.75
N LEU B 33 11.18 6.91 -16.06
CA LEU B 33 10.07 6.14 -16.59
C LEU B 33 8.81 6.85 -16.12
N TYR B 34 8.28 7.74 -16.95
CA TYR B 34 7.24 8.67 -16.52
C TYR B 34 5.98 7.97 -16.04
N HIS B 35 5.61 6.87 -16.69
CA HIS B 35 4.34 6.24 -16.34
C HIS B 35 4.43 5.29 -15.15
N PHE B 36 5.60 4.67 -14.98
CA PHE B 36 5.86 3.85 -13.81
C PHE B 36 6.21 4.74 -12.63
N SER B 37 6.52 6.00 -12.93
CA SER B 37 7.10 6.95 -11.95
C SER B 37 8.31 6.35 -11.23
N LEU B 38 9.24 5.81 -12.01
CA LEU B 38 10.49 5.28 -11.49
C LEU B 38 11.63 6.00 -12.20
N SER B 39 12.71 6.27 -11.48
CA SER B 39 13.86 6.94 -12.09
C SER B 39 15.19 6.29 -11.74
N THR B 40 16.11 6.31 -12.69
CA THR B 40 17.46 5.78 -12.46
C THR B 40 18.16 6.52 -11.31
N SER B 41 17.77 7.77 -11.07
CA SER B 41 18.42 8.55 -10.03
C SER B 41 17.81 8.32 -8.66
N THR B 42 16.55 7.87 -8.62
CA THR B 42 15.84 7.66 -7.36
C THR B 42 15.71 6.17 -6.99
N HIS B 43 15.93 5.30 -7.97
CA HIS B 43 15.76 3.86 -7.75
C HIS B 43 16.96 3.08 -8.28
N ASP B 44 17.36 2.07 -7.52
CA ASP B 44 18.48 1.23 -7.93
C ASP B 44 17.98 0.07 -8.79
N PHE B 45 17.93 0.28 -10.10
CA PHE B 45 17.41 -0.73 -11.02
C PHE B 45 18.11 -2.10 -10.93
N PRO B 46 19.46 -2.12 -11.04
CA PRO B 46 20.13 -3.43 -10.90
C PRO B 46 19.70 -4.14 -9.61
N ALA B 47 19.71 -3.43 -8.49
CA ALA B 47 19.35 -4.05 -7.22
C ALA B 47 17.90 -4.55 -7.23
N MET B 48 17.01 -3.81 -7.89
CA MET B 48 15.59 -4.16 -7.84
C MET B 48 15.23 -5.27 -8.81
N PHE B 49 15.82 -5.25 -9.99
CA PHE B 49 15.35 -6.14 -11.07
C PHE B 49 16.43 -6.97 -11.74
N GLY B 50 17.68 -6.79 -11.30
CA GLY B 50 18.81 -7.35 -12.02
C GLY B 50 18.70 -8.85 -12.30
N ASP B 51 18.03 -9.58 -11.42
CA ASP B 51 17.95 -11.03 -11.55
C ASP B 51 16.68 -11.50 -12.28
N VAL B 52 15.91 -10.57 -12.85
CA VAL B 52 14.70 -10.97 -13.58
C VAL B 52 15.06 -11.75 -14.84
N LYS B 53 14.42 -12.90 -15.01
CA LYS B 53 14.56 -13.74 -16.22
C LYS B 53 13.23 -13.92 -16.96
N PHE B 54 12.12 -13.77 -16.23
CA PHE B 54 10.80 -13.97 -16.81
C PHE B 54 9.88 -12.78 -16.58
N VAL B 55 9.39 -12.22 -17.67
CA VAL B 55 8.51 -11.07 -17.62
C VAL B 55 7.15 -11.45 -18.18
N CYS B 56 6.18 -11.59 -17.29
CA CYS B 56 4.82 -11.87 -17.73
C CYS B 56 4.00 -10.57 -17.69
N VAL B 57 3.28 -10.28 -18.77
CA VAL B 57 2.48 -9.04 -18.84
C VAL B 57 1.01 -9.33 -19.20
N GLY B 58 0.11 -8.43 -18.81
CA GLY B 58 -1.31 -8.63 -19.05
C GLY B 58 -2.08 -7.36 -18.76
N GLY B 59 -3.39 -7.39 -19.01
CA GLY B 59 -4.19 -6.16 -18.96
C GLY B 59 -4.26 -5.50 -17.58
N SER B 60 -4.81 -6.22 -16.61
CA SER B 60 -5.19 -5.62 -15.32
C SER B 60 -4.26 -5.97 -14.18
N PRO B 61 -4.15 -5.05 -13.21
CA PRO B 61 -3.35 -5.31 -12.00
C PRO B 61 -3.83 -6.58 -11.30
N SER B 62 -5.15 -6.78 -11.25
CA SER B 62 -5.67 -7.98 -10.61
C SER B 62 -5.25 -9.28 -11.33
N ARG B 63 -5.28 -9.30 -12.66
CA ARG B 63 -4.79 -10.48 -13.37
C ARG B 63 -3.32 -10.73 -13.02
N MET B 64 -2.53 -9.67 -12.95
CA MET B 64 -1.08 -9.82 -12.80
C MET B 64 -0.65 -10.05 -11.36
N LYS B 65 -1.46 -9.60 -10.41
CA LYS B 65 -1.22 -9.92 -9.00
C LYS B 65 -1.54 -11.39 -8.74
N ALA B 66 -2.63 -11.86 -9.33
CA ALA B 66 -3.01 -13.27 -9.20
C ALA B 66 -1.92 -14.13 -9.82
N PHE B 67 -1.35 -13.66 -10.93
CA PHE B 67 -0.24 -14.38 -11.53
C PHE B 67 0.99 -14.48 -10.63
N ILE B 68 1.44 -13.36 -10.06
CA ILE B 68 2.65 -13.42 -9.24
C ILE B 68 2.44 -14.30 -8.01
N LYS B 69 1.26 -14.21 -7.39
CA LYS B 69 0.90 -15.10 -6.28
C LYS B 69 0.97 -16.56 -6.69
N TYR B 70 0.40 -16.88 -7.86
CA TYR B 70 0.38 -18.26 -8.29
C TYR B 70 1.81 -18.78 -8.47
N VAL B 71 2.62 -18.02 -9.21
CA VAL B 71 3.96 -18.52 -9.50
C VAL B 71 4.89 -18.56 -8.28
N ALA B 72 4.70 -17.64 -7.34
CA ALA B 72 5.48 -17.65 -6.10
C ALA B 72 5.26 -18.98 -5.38
N MET B 73 4.01 -19.41 -5.30
CA MET B 73 3.66 -20.69 -4.70
C MET B 73 4.28 -21.89 -5.44
N GLU B 74 4.17 -21.89 -6.77
CA GLU B 74 4.69 -23.00 -7.58
C GLU B 74 6.21 -23.09 -7.55
N LEU B 75 6.88 -21.96 -7.45
CA LEU B 75 8.34 -21.92 -7.46
C LEU B 75 8.92 -22.16 -6.07
N GLY B 76 8.07 -22.15 -5.05
CA GLY B 76 8.51 -22.39 -3.69
C GLY B 76 8.81 -21.14 -2.88
N PHE B 77 8.57 -19.96 -3.45
CA PHE B 77 8.89 -18.70 -2.79
C PHE B 77 7.82 -18.26 -1.80
N ALA B 78 6.64 -18.87 -1.89
CA ALA B 78 5.50 -18.36 -1.13
C ALA B 78 5.68 -18.55 0.37
N HIS B 79 5.36 -17.51 1.13
CA HIS B 79 5.38 -17.58 2.58
C HIS B 79 4.08 -16.95 3.09
N PRO B 80 3.43 -17.62 4.04
CA PRO B 80 2.21 -17.12 4.65
C PRO B 80 2.54 -16.22 5.83
N GLY B 81 1.92 -15.06 5.96
CA GLY B 81 1.13 -14.44 4.92
C GLY B 81 1.84 -13.12 4.64
N ALA B 82 2.86 -13.19 3.79
CA ALA B 82 3.50 -11.99 3.30
C ALA B 82 2.75 -11.59 2.04
N ASP B 83 2.92 -10.35 1.60
CA ASP B 83 2.28 -9.93 0.38
C ASP B 83 3.31 -9.48 -0.66
N TYR B 84 2.88 -9.44 -1.91
CA TYR B 84 3.71 -8.96 -3.00
C TYR B 84 3.20 -7.58 -3.40
N PRO B 85 3.81 -6.52 -2.85
CA PRO B 85 3.27 -5.17 -3.08
C PRO B 85 3.55 -4.67 -4.49
N ASN B 86 2.75 -3.70 -4.92
CA ASN B 86 2.93 -3.00 -6.18
C ASN B 86 4.19 -2.15 -6.16
N ILE B 87 4.99 -2.26 -7.21
CA ILE B 87 6.28 -1.57 -7.30
C ILE B 87 6.19 -0.29 -8.14
N CYS B 88 5.16 -0.19 -8.97
CA CYS B 88 4.91 1.04 -9.72
C CYS B 88 4.46 2.14 -8.78
N GLU B 89 4.77 3.38 -9.14
CA GLU B 89 4.46 4.53 -8.32
C GLU B 89 3.68 5.58 -9.11
N GLY B 90 3.37 5.30 -10.38
CA GLY B 90 2.70 6.27 -11.24
C GLY B 90 1.23 6.01 -11.52
N THR B 91 0.85 6.06 -12.79
CA THR B 91 -0.56 5.85 -13.15
C THR B 91 -0.97 4.45 -12.77
N ASP B 92 -2.19 4.30 -12.31
CA ASP B 92 -2.66 3.02 -11.80
C ASP B 92 -2.94 1.98 -12.89
N ARG B 93 -2.88 2.38 -14.16
CA ARG B 93 -2.94 1.42 -15.30
C ARG B 93 -1.85 0.36 -15.20
N TYR B 94 -0.69 0.80 -14.73
CA TYR B 94 0.48 -0.06 -14.70
C TYR B 94 0.81 -0.42 -13.27
N ALA B 95 0.72 -1.71 -12.97
CA ALA B 95 1.08 -2.24 -11.67
C ALA B 95 2.20 -3.24 -11.92
N MET B 96 3.03 -3.48 -10.90
CA MET B 96 4.24 -4.27 -11.09
C MET B 96 4.56 -5.07 -9.83
N PHE B 97 4.75 -6.38 -9.99
CA PHE B 97 5.06 -7.29 -8.90
C PHE B 97 6.31 -8.10 -9.23
N LYS B 98 7.07 -8.46 -8.21
CA LYS B 98 8.34 -9.15 -8.41
C LYS B 98 8.57 -10.21 -7.33
N VAL B 99 8.76 -11.46 -7.75
CA VAL B 99 9.18 -12.53 -6.83
C VAL B 99 10.26 -13.37 -7.51
N GLY B 100 11.42 -13.43 -6.87
CA GLY B 100 12.55 -14.11 -7.45
C GLY B 100 12.88 -13.59 -8.84
N PRO B 101 12.96 -14.48 -9.83
CA PRO B 101 13.35 -14.08 -11.18
C PRO B 101 12.15 -13.71 -12.05
N VAL B 102 10.99 -13.58 -11.41
CA VAL B 102 9.75 -13.35 -12.12
C VAL B 102 9.22 -11.95 -11.88
N LEU B 103 9.00 -11.21 -12.97
CA LEU B 103 8.41 -9.88 -12.88
C LEU B 103 7.04 -9.88 -13.54
N SER B 104 6.04 -9.35 -12.86
CA SER B 104 4.66 -9.37 -13.37
C SER B 104 4.17 -7.94 -13.57
N VAL B 105 3.75 -7.59 -14.78
CA VAL B 105 3.35 -6.18 -15.09
C VAL B 105 2.03 -6.03 -15.85
N SER B 106 1.14 -5.20 -15.34
CA SER B 106 -0.10 -4.91 -16.06
C SER B 106 0.11 -3.81 -17.11
N HIS B 107 -0.56 -3.91 -18.26
CA HIS B 107 -0.34 -2.96 -19.37
C HIS B 107 -1.56 -2.14 -19.77
N GLY B 108 -2.70 -2.37 -19.12
CA GLY B 108 -3.92 -1.64 -19.43
C GLY B 108 -4.52 -2.03 -20.79
N MET B 109 -5.58 -1.34 -21.21
CA MET B 109 -6.27 -1.80 -22.40
C MET B 109 -5.86 -1.05 -23.64
N GLY B 110 -5.52 -1.82 -24.67
CA GLY B 110 -5.34 -1.27 -26.01
C GLY B 110 -3.90 -0.99 -26.37
N VAL B 111 -3.64 -1.01 -27.68
CA VAL B 111 -2.33 -0.75 -28.27
C VAL B 111 -1.58 0.46 -27.69
N PRO B 112 -2.21 1.64 -27.62
CA PRO B 112 -1.50 2.79 -27.05
C PRO B 112 -1.06 2.58 -25.59
N SER B 113 -1.92 2.03 -24.74
CA SER B 113 -1.57 1.79 -23.34
C SER B 113 -0.43 0.78 -23.18
N ILE B 114 -0.50 -0.34 -23.90
CA ILE B 114 0.55 -1.35 -23.82
C ILE B 114 1.87 -0.91 -24.47
N ALA B 115 1.80 -0.16 -25.57
CA ALA B 115 3.03 0.37 -26.16
C ALA B 115 3.84 1.21 -25.14
N ILE B 116 3.14 2.03 -24.37
CA ILE B 116 3.78 2.89 -23.37
C ILE B 116 4.48 2.01 -22.35
N MET B 117 3.75 1.01 -21.87
CA MET B 117 4.30 0.10 -20.89
C MET B 117 5.54 -0.61 -21.40
N LEU B 118 5.51 -1.06 -22.67
CA LEU B 118 6.63 -1.80 -23.26
C LEU B 118 7.89 -0.92 -23.43
N HIS B 119 7.71 0.32 -23.86
CA HIS B 119 8.84 1.25 -23.90
C HIS B 119 9.53 1.38 -22.55
N GLU B 120 8.73 1.56 -21.50
CA GLU B 120 9.30 1.81 -20.17
C GLU B 120 9.82 0.54 -19.52
N LEU B 121 9.15 -0.58 -19.80
CA LEU B 121 9.58 -1.86 -19.26
C LEU B 121 10.89 -2.34 -19.88
N ILE B 122 11.03 -2.16 -21.18
CA ILE B 122 12.23 -2.60 -21.88
C ILE B 122 13.43 -1.77 -21.40
N LYS B 123 13.21 -0.48 -21.16
CA LYS B 123 14.27 0.35 -20.63
C LYS B 123 14.64 -0.06 -19.20
N LEU B 124 13.62 -0.40 -18.41
CA LEU B 124 13.83 -0.90 -17.06
C LEU B 124 14.78 -2.10 -17.05
N LEU B 125 14.52 -3.05 -17.94
CA LEU B 125 15.32 -4.28 -18.01
C LEU B 125 16.73 -3.93 -18.46
N TYR B 126 16.82 -3.01 -19.41
CA TYR B 126 18.12 -2.51 -19.82
C TYR B 126 18.91 -1.90 -18.66
N HIS B 127 18.30 -0.98 -17.90
CA HIS B 127 19.00 -0.31 -16.79
C HIS B 127 19.36 -1.29 -15.66
N ALA B 128 18.57 -2.34 -15.52
CA ALA B 128 18.82 -3.35 -14.49
C ALA B 128 19.90 -4.31 -14.96
N HIS B 129 20.28 -4.20 -16.23
CA HIS B 129 21.22 -5.09 -16.89
C HIS B 129 20.80 -6.56 -16.89
N CYS B 130 19.50 -6.78 -17.07
CA CYS B 130 18.97 -8.13 -17.22
C CYS B 130 19.54 -8.84 -18.45
N SER B 131 19.58 -10.16 -18.38
CA SER B 131 20.08 -10.94 -19.50
C SER B 131 19.29 -12.23 -19.55
N GLY B 132 19.17 -12.82 -20.74
CA GLY B 132 18.46 -14.07 -20.92
C GLY B 132 16.98 -14.00 -20.54
N VAL B 133 16.34 -12.89 -20.88
CA VAL B 133 14.95 -12.67 -20.47
C VAL B 133 13.97 -13.32 -21.43
N THR B 134 12.83 -13.76 -20.90
CA THR B 134 11.69 -14.20 -21.70
C THR B 134 10.44 -13.36 -21.38
N LEU B 135 9.76 -12.84 -22.41
CA LEU B 135 8.55 -12.03 -22.20
C LEU B 135 7.29 -12.74 -22.67
N ILE B 136 6.29 -12.82 -21.81
CA ILE B 136 5.07 -13.55 -22.17
C ILE B 136 3.83 -12.78 -21.76
N ARG B 137 2.92 -12.59 -22.71
CA ARG B 137 1.65 -11.92 -22.46
C ARG B 137 0.60 -12.98 -22.15
N ILE B 138 -0.18 -12.76 -21.11
CA ILE B 138 -1.28 -13.65 -20.78
C ILE B 138 -2.57 -12.84 -20.81
N GLY B 139 -3.67 -13.48 -21.17
CA GLY B 139 -4.96 -12.80 -21.16
C GLY B 139 -6.10 -13.68 -21.60
N THR B 140 -7.28 -13.08 -21.76
CA THR B 140 -8.43 -13.76 -22.31
C THR B 140 -8.63 -13.26 -23.74
N SER B 141 -9.56 -13.84 -24.46
CA SER B 141 -9.72 -13.53 -25.88
C SER B 141 -11.00 -14.14 -26.39
N GLY B 142 -11.44 -13.69 -27.57
CA GLY B 142 -12.56 -14.32 -28.25
C GLY B 142 -12.02 -15.43 -29.13
N GLY B 143 -12.60 -16.63 -29.02
CA GLY B 143 -12.17 -17.75 -29.84
C GLY B 143 -12.90 -17.83 -31.17
N ILE B 144 -12.21 -18.43 -32.15
CA ILE B 144 -12.85 -18.79 -33.43
C ILE B 144 -12.65 -20.29 -33.72
N GLY B 145 -13.73 -21.06 -33.69
CA GLY B 145 -13.69 -22.48 -34.00
C GLY B 145 -13.09 -23.36 -32.91
N LEU B 146 -13.07 -22.86 -31.67
CA LEU B 146 -12.53 -23.63 -30.54
C LEU B 146 -13.56 -23.65 -29.43
N GLU B 147 -13.56 -24.72 -28.65
CA GLU B 147 -14.40 -24.79 -27.47
C GLU B 147 -13.97 -23.69 -26.51
N PRO B 148 -14.93 -23.06 -25.83
CA PRO B 148 -14.58 -22.09 -24.79
C PRO B 148 -13.65 -22.73 -23.76
N GLY B 149 -12.71 -21.94 -23.26
CA GLY B 149 -11.77 -22.43 -22.26
C GLY B 149 -10.49 -22.97 -22.87
N SER B 150 -10.42 -23.02 -24.20
CA SER B 150 -9.19 -23.41 -24.90
C SER B 150 -8.11 -22.33 -24.78
N VAL B 151 -6.87 -22.75 -24.72
CA VAL B 151 -5.75 -21.82 -24.70
C VAL B 151 -5.07 -21.79 -26.06
N VAL B 152 -4.76 -20.59 -26.54
CA VAL B 152 -4.10 -20.43 -27.83
C VAL B 152 -2.70 -19.85 -27.66
N ILE B 153 -1.73 -20.55 -28.03
CA ILE B 153 -0.38 -20.01 -28.00
C ILE B 153 -0.19 -19.40 -29.37
N THR B 154 -0.01 -18.08 -29.39
CA THR B 154 0.02 -17.32 -30.65
C THR B 154 1.28 -17.54 -31.46
N ARG B 155 1.33 -18.17 -32.71
CA ARG B 155 2.39 -18.28 -33.61
C ARG B 155 2.76 -16.91 -34.28
N GLN B 156 1.74 -16.32 -34.85
CA GLN B 156 1.81 -14.95 -35.36
C GLN B 156 0.65 -14.09 -34.86
N ALA B 157 0.98 -12.90 -34.37
CA ALA B 157 -0.06 -11.91 -34.14
C ALA B 157 -0.30 -11.39 -35.53
N VAL B 158 -1.54 -11.06 -35.82
CA VAL B 158 -1.95 -10.78 -37.17
C VAL B 158 -2.94 -9.61 -37.14
N ASP B 159 -2.92 -8.76 -38.17
CA ASP B 159 -3.80 -7.60 -38.20
C ASP B 159 -5.20 -8.01 -38.71
N PRO B 160 -6.15 -7.06 -38.73
CA PRO B 160 -7.52 -7.38 -39.15
C PRO B 160 -7.63 -7.87 -40.60
N CYS B 161 -6.56 -7.76 -41.39
CA CYS B 161 -6.54 -8.37 -42.72
C CYS B 161 -5.73 -9.69 -42.75
N PHE B 162 -5.42 -10.19 -41.56
CA PHE B 162 -4.78 -11.50 -41.41
C PHE B 162 -3.28 -11.48 -41.75
N LYS B 163 -2.69 -10.30 -41.88
CA LYS B 163 -1.25 -10.21 -42.16
C LYS B 163 -0.40 -10.04 -40.89
N PRO B 164 0.75 -10.71 -40.83
CA PRO B 164 1.61 -10.63 -39.65
C PRO B 164 2.42 -9.34 -39.66
N GLU B 165 1.74 -8.19 -39.66
CA GLU B 165 2.37 -6.88 -39.73
C GLU B 165 1.78 -5.93 -38.71
N PHE B 166 2.62 -5.12 -38.09
CA PHE B 166 2.14 -3.99 -37.30
C PHE B 166 2.61 -2.69 -37.95
N GLU B 167 1.66 -1.83 -38.29
CA GLU B 167 2.00 -0.58 -38.97
C GLU B 167 1.94 0.58 -37.98
N GLN B 168 3.00 1.40 -37.99
CA GLN B 168 3.11 2.54 -37.10
C GLN B 168 3.57 3.78 -37.88
N ILE B 169 3.06 4.95 -37.49
CA ILE B 169 3.41 6.20 -38.16
C ILE B 169 4.54 6.91 -37.43
N VAL B 170 5.66 7.09 -38.11
CA VAL B 170 6.82 7.76 -37.53
C VAL B 170 7.22 8.98 -38.34
N LEU B 171 7.13 10.15 -37.73
CA LEU B 171 7.49 11.40 -38.39
C LEU B 171 6.61 11.65 -39.62
N GLY B 172 5.39 11.12 -39.59
CA GLY B 172 4.46 11.28 -40.68
C GLY B 172 4.64 10.15 -41.68
N LYS B 173 5.58 9.25 -41.38
CA LYS B 173 5.92 8.17 -42.29
C LYS B 173 5.44 6.81 -41.79
N ARG B 174 4.75 6.07 -42.64
CA ARG B 174 4.28 4.73 -42.25
C ARG B 174 5.42 3.72 -42.23
N GLU B 175 5.52 2.99 -41.12
CA GLU B 175 6.51 1.93 -40.96
C GLU B 175 5.78 0.63 -40.62
N VAL B 176 6.31 -0.49 -41.11
CA VAL B 176 5.70 -1.79 -40.88
C VAL B 176 6.68 -2.74 -40.19
N ARG B 177 6.22 -3.43 -39.16
CA ARG B 177 7.07 -4.36 -38.44
C ARG B 177 6.44 -5.76 -38.37
N ASN B 178 7.28 -6.78 -38.49
CA ASN B 178 6.83 -8.16 -38.43
C ASN B 178 6.34 -8.56 -37.03
N THR B 179 5.28 -9.36 -36.97
CA THR B 179 4.73 -9.77 -35.68
C THR B 179 4.76 -11.30 -35.44
N ASP B 180 5.74 -12.00 -36.00
CA ASP B 180 5.93 -13.40 -35.62
C ASP B 180 6.36 -13.48 -34.16
N LEU B 181 5.89 -14.48 -33.43
CA LEU B 181 6.45 -14.79 -32.11
C LEU B 181 7.50 -15.89 -32.22
N ASP B 182 8.31 -16.03 -31.18
CA ASP B 182 9.42 -16.96 -31.18
C ASP B 182 8.95 -18.42 -31.36
N GLU B 183 9.34 -19.03 -32.48
CA GLU B 183 8.85 -20.37 -32.82
C GLU B 183 9.27 -21.47 -31.83
N GLN B 184 10.51 -21.46 -31.38
CA GLN B 184 10.90 -22.52 -30.45
C GLN B 184 10.13 -22.31 -29.14
N LEU B 185 9.82 -21.04 -28.84
CA LEU B 185 9.08 -20.74 -27.61
C LEU B 185 7.66 -21.30 -27.69
N VAL B 186 6.99 -21.16 -28.84
CA VAL B 186 5.63 -21.68 -28.92
C VAL B 186 5.62 -23.20 -28.74
N GLN B 187 6.64 -23.90 -29.24
CA GLN B 187 6.70 -25.36 -29.09
C GLN B 187 6.97 -25.78 -27.64
N GLU B 188 7.83 -25.03 -26.96
CA GLU B 188 8.14 -25.35 -25.56
C GLU B 188 6.89 -25.19 -24.71
N LEU B 189 6.12 -24.15 -25.01
CA LEU B 189 4.86 -23.90 -24.32
C LEU B 189 3.84 -24.96 -24.61
N ALA B 190 3.78 -25.39 -25.87
CA ALA B 190 2.92 -26.51 -26.25
C ALA B 190 3.28 -27.80 -25.48
N ARG B 191 4.58 -28.08 -25.35
CA ARG B 191 5.03 -29.25 -24.59
C ARG B 191 4.69 -29.10 -23.12
N CYS B 192 4.84 -27.88 -22.58
CA CYS B 192 4.49 -27.65 -21.18
C CYS B 192 3.00 -27.89 -20.94
N SER B 193 2.17 -27.48 -21.90
CA SER B 193 0.73 -27.66 -21.72
C SER B 193 0.36 -29.16 -21.77
N ALA B 194 1.01 -29.91 -22.64
CA ALA B 194 0.76 -31.35 -22.73
C ALA B 194 1.16 -32.02 -21.41
N GLU B 195 2.19 -31.49 -20.78
CA GLU B 195 2.61 -32.04 -19.50
C GLU B 195 1.52 -31.87 -18.46
N LEU B 196 0.84 -30.73 -18.48
CA LEU B 196 -0.22 -30.49 -17.50
C LEU B 196 -1.43 -31.42 -17.70
N GLY B 197 -1.86 -31.56 -18.94
CA GLY B 197 -3.02 -32.38 -19.25
C GLY B 197 -4.30 -31.84 -18.63
N GLU B 198 -4.45 -30.53 -18.58
CA GLU B 198 -5.61 -29.94 -17.88
C GLU B 198 -6.67 -29.33 -18.81
N PHE B 199 -6.23 -28.83 -19.96
CA PHE B 199 -7.15 -28.09 -20.82
C PHE B 199 -6.62 -28.10 -22.24
N PRO B 200 -7.50 -27.93 -23.23
CA PRO B 200 -7.07 -27.98 -24.63
C PRO B 200 -6.26 -26.75 -25.00
N THR B 201 -5.12 -26.98 -25.62
CA THR B 201 -4.21 -25.92 -26.00
C THR B 201 -3.82 -26.12 -27.46
N VAL B 202 -4.01 -25.09 -28.28
CA VAL B 202 -3.66 -25.13 -29.69
C VAL B 202 -2.68 -24.02 -30.04
N VAL B 203 -1.80 -24.26 -31.00
CA VAL B 203 -1.06 -23.14 -31.56
C VAL B 203 -1.75 -22.61 -32.83
N GLY B 204 -1.95 -21.31 -32.88
CA GLY B 204 -2.63 -20.70 -34.00
C GLY B 204 -2.30 -19.22 -34.05
N ASN B 205 -2.86 -18.54 -35.04
CA ASN B 205 -2.64 -17.11 -35.12
C ASN B 205 -3.68 -16.33 -34.32
N THR B 206 -3.27 -15.16 -33.87
CA THR B 206 -4.10 -14.33 -33.01
C THR B 206 -4.34 -13.01 -33.69
N MET B 207 -5.61 -12.68 -33.94
CA MET B 207 -5.92 -11.42 -34.58
C MET B 207 -5.98 -10.30 -33.54
N CYS B 208 -5.20 -9.24 -33.75
CA CYS B 208 -5.21 -8.07 -32.89
C CYS B 208 -6.00 -6.94 -33.56
N THR B 209 -7.00 -6.41 -32.86
CA THR B 209 -7.79 -5.30 -33.41
C THR B 209 -7.57 -4.06 -32.54
N LEU B 210 -7.43 -2.92 -33.18
CA LEU B 210 -7.32 -1.66 -32.47
C LEU B 210 -8.57 -1.43 -31.66
N ASP B 211 -9.72 -1.65 -32.30
CA ASP B 211 -11.05 -1.29 -31.81
C ASP B 211 -11.88 -2.50 -31.40
N PHE B 212 -12.79 -2.30 -30.43
CA PHE B 212 -13.61 -3.38 -29.90
C PHE B 212 -14.91 -3.63 -30.68
N TYR B 213 -15.83 -2.66 -30.63
CA TYR B 213 -17.18 -2.84 -31.16
C TYR B 213 -17.23 -3.02 -32.69
N GLU B 214 -16.59 -2.11 -33.43
CA GLU B 214 -16.55 -2.28 -34.88
C GLU B 214 -15.31 -3.07 -35.31
N GLY B 215 -14.21 -2.89 -34.60
CA GLY B 215 -12.98 -3.55 -34.98
C GLY B 215 -13.07 -5.06 -34.91
N GLN B 216 -13.94 -5.58 -34.05
CA GLN B 216 -14.09 -7.03 -33.91
C GLN B 216 -15.40 -7.48 -34.50
N GLY B 217 -16.07 -6.56 -35.19
CA GLY B 217 -17.27 -6.87 -35.94
C GLY B 217 -18.44 -7.27 -35.08
N ARG B 218 -18.57 -6.65 -33.91
CA ARG B 218 -19.70 -6.88 -33.04
C ARG B 218 -20.95 -6.17 -33.56
N LEU B 219 -22.13 -6.62 -33.12
CA LEU B 219 -23.37 -6.02 -33.59
C LEU B 219 -24.01 -5.06 -32.58
N ASP B 220 -23.35 -4.84 -31.44
CA ASP B 220 -23.99 -4.14 -30.34
C ASP B 220 -23.39 -2.78 -29.98
N GLY B 221 -22.62 -2.20 -30.89
CA GLY B 221 -22.10 -0.86 -30.66
C GLY B 221 -23.10 0.24 -31.02
N ALA B 222 -22.65 1.48 -30.93
CA ALA B 222 -23.49 2.60 -31.35
C ALA B 222 -23.52 2.71 -32.89
N LEU B 223 -22.47 2.22 -33.53
CA LEU B 223 -22.38 2.27 -34.98
C LEU B 223 -22.08 0.88 -35.56
N CYS B 224 -22.93 0.44 -36.49
CA CYS B 224 -22.75 -0.85 -37.13
C CYS B 224 -23.39 -0.86 -38.51
N SER B 225 -22.57 -1.11 -39.54
CA SER B 225 -23.06 -1.11 -40.92
C SER B 225 -23.30 -2.51 -41.48
N TYR B 226 -23.09 -3.56 -40.67
CA TYR B 226 -23.10 -4.93 -41.19
C TYR B 226 -24.06 -5.82 -40.42
N THR B 227 -24.13 -7.08 -40.84
CA THR B 227 -25.09 -8.04 -40.30
C THR B 227 -24.37 -9.24 -39.70
N GLU B 228 -25.11 -10.09 -39.00
CA GLU B 228 -24.53 -11.31 -38.43
C GLU B 228 -23.92 -12.22 -39.50
N LYS B 229 -24.56 -12.26 -40.68
CA LYS B 229 -24.02 -13.01 -41.81
C LYS B 229 -22.66 -12.45 -42.24
N ASP B 230 -22.58 -11.13 -42.33
CA ASP B 230 -21.32 -10.46 -42.69
C ASP B 230 -20.23 -10.79 -41.68
N LYS B 231 -20.57 -10.73 -40.40
CA LYS B 231 -19.61 -11.00 -39.33
C LYS B 231 -19.12 -12.44 -39.45
N GLN B 232 -20.06 -13.37 -39.54
CA GLN B 232 -19.69 -14.79 -39.57
C GLN B 232 -18.84 -15.17 -40.78
N ASP B 233 -19.13 -14.55 -41.93
CA ASP B 233 -18.32 -14.76 -43.10
C ASP B 233 -16.90 -14.28 -42.87
N TYR B 234 -16.76 -13.15 -42.17
CA TYR B 234 -15.44 -12.61 -41.88
C TYR B 234 -14.68 -13.55 -40.94
N LEU B 235 -15.38 -14.05 -39.93
CA LEU B 235 -14.75 -14.90 -38.94
C LEU B 235 -14.37 -16.26 -39.56
N ARG B 236 -15.18 -16.73 -40.51
CA ARG B 236 -14.83 -17.97 -41.20
C ARG B 236 -13.59 -17.79 -42.06
N ALA B 237 -13.50 -16.62 -42.72
CA ALA B 237 -12.29 -16.26 -43.45
C ALA B 237 -11.07 -16.22 -42.51
N ALA B 238 -11.22 -15.56 -41.36
CA ALA B 238 -10.14 -15.53 -40.37
C ALA B 238 -9.71 -16.95 -40.01
N TYR B 239 -10.69 -17.81 -39.71
CA TYR B 239 -10.36 -19.18 -39.32
C TYR B 239 -9.59 -19.90 -40.45
N ALA B 240 -10.04 -19.71 -41.70
CA ALA B 240 -9.40 -20.33 -42.85
C ALA B 240 -7.96 -19.89 -42.99
N ALA B 241 -7.69 -18.65 -42.58
CA ALA B 241 -6.34 -18.10 -42.57
C ALA B 241 -5.47 -18.50 -41.37
N GLY B 242 -5.97 -19.38 -40.50
CA GLY B 242 -5.17 -19.86 -39.38
C GLY B 242 -5.41 -19.19 -38.02
N ILE B 243 -6.34 -18.26 -37.97
CA ILE B 243 -6.63 -17.51 -36.75
C ILE B 243 -7.59 -18.31 -35.86
N ARG B 244 -7.29 -18.32 -34.56
CA ARG B 244 -8.10 -19.06 -33.60
C ARG B 244 -8.62 -18.19 -32.47
N ASN B 245 -8.07 -16.98 -32.31
CA ASN B 245 -8.58 -16.04 -31.31
C ASN B 245 -8.33 -14.58 -31.69
N ILE B 246 -9.04 -13.70 -30.99
CA ILE B 246 -9.02 -12.26 -31.27
C ILE B 246 -8.81 -11.51 -29.95
N GLU B 247 -7.86 -10.57 -29.92
CA GLU B 247 -7.77 -9.67 -28.78
C GLU B 247 -7.18 -8.31 -29.20
N MET B 248 -6.74 -7.50 -28.25
CA MET B 248 -6.50 -6.10 -28.57
C MET B 248 -5.09 -5.57 -28.36
N GLU B 249 -4.13 -6.45 -28.06
CA GLU B 249 -2.77 -6.00 -27.73
C GLU B 249 -1.61 -6.82 -28.33
N ALA B 250 -1.91 -7.99 -28.89
CA ALA B 250 -0.86 -8.92 -29.34
C ALA B 250 0.15 -8.37 -30.36
N SER B 251 -0.35 -7.60 -31.33
CA SER B 251 0.48 -7.08 -32.42
C SER B 251 1.63 -6.17 -31.98
N VAL B 252 1.35 -5.14 -31.19
CA VAL B 252 2.43 -4.27 -30.73
C VAL B 252 3.40 -5.01 -29.85
N PHE B 253 2.88 -5.95 -29.07
CA PHE B 253 3.72 -6.73 -28.18
C PHE B 253 4.78 -7.48 -29.01
N ALA B 254 4.30 -8.19 -30.03
CA ALA B 254 5.18 -8.96 -30.89
C ALA B 254 6.12 -8.05 -31.67
N ALA B 255 5.57 -6.98 -32.26
CA ALA B 255 6.37 -6.01 -32.99
C ALA B 255 7.49 -5.41 -32.16
N MET B 256 7.16 -4.95 -30.95
CA MET B 256 8.17 -4.31 -30.11
C MET B 256 9.24 -5.27 -29.57
N CYS B 257 8.83 -6.48 -29.24
CA CYS B 257 9.78 -7.51 -28.81
C CYS B 257 10.72 -7.89 -29.96
N ASN B 258 10.16 -8.09 -31.15
CA ASN B 258 10.97 -8.38 -32.32
C ASN B 258 11.98 -7.28 -32.60
N ALA B 259 11.56 -6.03 -32.41
CA ALA B 259 12.43 -4.88 -32.71
C ALA B 259 13.63 -4.84 -31.78
N CYS B 260 13.42 -5.19 -30.51
CA CYS B 260 14.51 -5.19 -29.55
C CYS B 260 15.15 -6.57 -29.39
N GLY B 261 14.79 -7.51 -30.26
CA GLY B 261 15.36 -8.84 -30.21
C GLY B 261 15.05 -9.64 -28.96
N LEU B 262 13.86 -9.44 -28.40
CA LEU B 262 13.48 -10.17 -27.19
C LEU B 262 12.63 -11.37 -27.53
N ARG B 263 12.91 -12.52 -26.91
CA ARG B 263 12.12 -13.72 -27.11
C ARG B 263 10.78 -13.60 -26.38
N ALA B 264 9.68 -13.75 -27.12
CA ALA B 264 8.37 -13.44 -26.56
C ALA B 264 7.32 -14.42 -26.99
N ALA B 265 6.27 -14.52 -26.17
CA ALA B 265 5.15 -15.40 -26.45
C ALA B 265 3.84 -14.75 -25.98
N VAL B 266 2.73 -15.20 -26.57
CA VAL B 266 1.40 -14.77 -26.16
C VAL B 266 0.56 -16.01 -25.89
N VAL B 267 0.02 -16.08 -24.68
CA VAL B 267 -0.79 -17.21 -24.24
C VAL B 267 -2.13 -16.69 -23.72
N CYS B 268 -3.18 -16.88 -24.52
CA CYS B 268 -4.52 -16.44 -24.11
C CYS B 268 -5.55 -17.56 -24.08
N VAL B 269 -6.42 -17.52 -23.07
CA VAL B 269 -7.59 -18.42 -23.00
C VAL B 269 -8.78 -17.77 -23.73
N THR B 270 -9.61 -18.59 -24.37
CA THR B 270 -10.82 -18.09 -25.01
C THR B 270 -11.99 -18.19 -24.04
N LEU B 271 -12.89 -17.20 -24.10
CA LEU B 271 -14.04 -17.15 -23.22
C LEU B 271 -15.31 -17.59 -23.92
N LEU B 272 -15.24 -17.74 -25.23
CA LEU B 272 -16.41 -18.14 -26.02
C LEU B 272 -15.94 -18.49 -27.41
N ASN B 273 -16.77 -19.21 -28.16
CA ASN B 273 -16.43 -19.60 -29.52
C ASN B 273 -16.98 -18.64 -30.56
N ARG B 274 -16.92 -17.34 -30.25
CA ARG B 274 -17.43 -16.32 -31.16
C ARG B 274 -18.44 -16.89 -32.14
N LEU B 275 -17.93 -17.48 -33.22
CA LEU B 275 -18.79 -18.07 -34.24
C LEU B 275 -20.21 -18.29 -33.71
N GLU B 276 -20.34 -19.15 -32.72
CA GLU B 276 -21.64 -19.45 -32.12
C GLU B 276 -22.43 -18.19 -31.74
N GLY B 277 -21.81 -17.03 -31.94
CA GLY B 277 -22.40 -15.77 -31.53
C GLY B 277 -21.50 -15.15 -30.48
N ASP B 278 -21.92 -14.02 -29.92
CA ASP B 278 -21.11 -13.25 -28.98
C ASP B 278 -21.51 -13.39 -27.51
N GLN B 279 -22.53 -14.20 -27.25
CA GLN B 279 -22.93 -14.52 -25.89
C GLN B 279 -21.89 -15.40 -25.20
N ILE B 280 -21.63 -15.10 -23.94
CA ILE B 280 -20.73 -15.90 -23.13
C ILE B 280 -21.60 -16.75 -22.20
N SER B 281 -21.77 -18.01 -22.56
CA SER B 281 -22.73 -18.88 -21.88
C SER B 281 -22.14 -19.63 -20.68
N SER B 282 -20.82 -19.59 -20.54
CA SER B 282 -20.19 -20.24 -19.40
C SER B 282 -20.59 -19.60 -18.07
N PRO B 283 -20.93 -20.44 -17.06
CA PRO B 283 -21.24 -19.96 -15.71
C PRO B 283 -20.05 -19.27 -15.07
N HIS B 284 -20.32 -18.41 -14.10
CA HIS B 284 -19.29 -17.69 -13.33
C HIS B 284 -18.17 -18.60 -12.82
N ASP B 285 -18.55 -19.72 -12.22
CA ASP B 285 -17.60 -20.71 -11.70
C ASP B 285 -16.61 -21.16 -12.78
N VAL B 286 -17.15 -21.47 -13.95
CA VAL B 286 -16.36 -21.97 -15.07
C VAL B 286 -15.44 -20.89 -15.63
N LEU B 287 -15.97 -19.69 -15.79
CA LEU B 287 -15.16 -18.56 -16.24
C LEU B 287 -13.97 -18.29 -15.32
N ALA B 288 -14.22 -18.32 -14.01
CA ALA B 288 -13.14 -18.08 -13.06
C ALA B 288 -12.01 -19.08 -13.27
N GLU B 289 -12.38 -20.32 -13.61
CA GLU B 289 -11.38 -21.33 -13.91
C GLU B 289 -10.66 -21.05 -15.22
N TYR B 290 -11.41 -20.65 -16.24
CA TYR B 290 -10.80 -20.33 -17.53
C TYR B 290 -9.76 -19.22 -17.34
N GLN B 291 -10.12 -18.22 -16.51
CA GLN B 291 -9.24 -17.08 -16.25
C GLN B 291 -7.83 -17.49 -15.79
N GLN B 292 -7.73 -18.61 -15.07
CA GLN B 292 -6.44 -19.03 -14.53
C GLN B 292 -5.60 -19.88 -15.49
N ARG B 293 -6.20 -20.38 -16.57
CA ARG B 293 -5.47 -21.26 -17.49
C ARG B 293 -4.14 -20.69 -18.05
N PRO B 294 -4.16 -19.45 -18.57
CA PRO B 294 -2.88 -18.92 -19.05
C PRO B 294 -1.83 -18.87 -17.94
N GLN B 295 -2.26 -18.41 -16.78
CA GLN B 295 -1.40 -18.32 -15.60
C GLN B 295 -0.79 -19.69 -15.29
N ARG B 296 -1.61 -20.73 -15.35
CA ARG B 296 -1.14 -22.08 -15.03
C ARG B 296 -0.10 -22.58 -16.03
N LEU B 297 -0.38 -22.39 -17.33
CA LEU B 297 0.56 -22.80 -18.35
C LEU B 297 1.89 -22.06 -18.19
N VAL B 298 1.82 -20.74 -18.01
CA VAL B 298 3.05 -19.97 -17.91
C VAL B 298 3.86 -20.35 -16.66
N GLY B 299 3.18 -20.50 -15.54
CA GLY B 299 3.83 -20.93 -14.31
C GLY B 299 4.55 -22.29 -14.41
N GLN B 300 3.94 -23.23 -15.13
CA GLN B 300 4.55 -24.53 -15.38
C GLN B 300 5.78 -24.39 -16.26
N PHE B 301 5.68 -23.51 -17.26
CA PHE B 301 6.80 -23.18 -18.12
C PHE B 301 7.99 -22.62 -17.34
N ILE B 302 7.71 -21.65 -16.47
CA ILE B 302 8.78 -21.04 -15.69
C ILE B 302 9.36 -22.07 -14.71
N LYS B 303 8.48 -22.83 -14.09
CA LYS B 303 8.87 -23.85 -13.13
C LYS B 303 9.85 -24.85 -13.76
N LYS B 304 9.53 -25.30 -14.97
CA LYS B 304 10.40 -26.22 -15.68
C LYS B 304 11.72 -25.58 -16.11
N ARG B 305 11.67 -24.34 -16.58
CA ARG B 305 12.88 -23.61 -16.97
C ARG B 305 13.86 -23.52 -15.81
N LEU B 306 13.33 -23.34 -14.61
CA LEU B 306 14.14 -23.21 -13.41
C LEU B 306 14.53 -24.55 -12.80
N MET B 307 14.18 -25.64 -13.46
CA MET B 307 14.58 -26.97 -12.99
C MET B 307 15.92 -27.34 -13.60
N ASP C 16 -11.80 15.38 45.25
CA ASP C 16 -12.26 14.00 45.05
C ASP C 16 -11.08 13.02 45.04
N LEU C 17 -11.19 12.00 45.89
CA LEU C 17 -10.16 10.98 46.02
C LEU C 17 -10.08 10.09 44.79
N VAL C 18 -8.87 9.69 44.44
CA VAL C 18 -8.65 8.68 43.41
C VAL C 18 -9.30 7.35 43.82
N GLN C 19 -10.11 6.79 42.95
CA GLN C 19 -10.74 5.51 43.25
C GLN C 19 -10.41 4.46 42.20
N LEU C 20 -10.36 3.20 42.61
CA LEU C 20 -10.09 2.08 41.72
C LEU C 20 -11.37 1.47 41.19
N CYS C 21 -11.26 0.66 40.14
CA CYS C 21 -12.38 -0.18 39.70
C CYS C 21 -12.04 -1.64 39.94
N ASN C 22 -11.53 -1.95 41.13
CA ASN C 22 -11.17 -3.30 41.48
C ASN C 22 -11.23 -3.51 42.98
N PRO C 23 -12.34 -4.08 43.45
CA PRO C 23 -12.61 -4.43 44.85
C PRO C 23 -11.55 -5.34 45.45
N HIS C 24 -10.80 -6.06 44.62
CA HIS C 24 -9.80 -6.99 45.13
C HIS C 24 -8.69 -6.29 45.89
N ILE C 25 -8.31 -5.11 45.44
CA ILE C 25 -7.18 -4.41 46.06
C ILE C 25 -7.44 -4.08 47.53
N ALA C 26 -8.58 -3.46 47.81
CA ALA C 26 -8.95 -3.12 49.19
C ALA C 26 -8.95 -4.35 50.11
N ALA C 27 -9.26 -5.52 49.55
CA ALA C 27 -9.32 -6.74 50.35
C ALA C 27 -7.97 -7.46 50.46
N MET C 28 -6.94 -6.91 49.84
CA MET C 28 -5.63 -7.53 49.90
C MET C 28 -4.89 -7.14 51.18
N LYS C 29 -4.12 -8.09 51.71
CA LYS C 29 -3.28 -7.87 52.88
C LYS C 29 -2.15 -6.90 52.51
N GLU C 30 -1.69 -7.00 51.27
CA GLU C 30 -0.56 -6.23 50.79
C GLU C 30 -0.71 -6.06 49.28
N ASP C 31 -0.42 -4.85 48.78
CA ASP C 31 -0.44 -4.60 47.33
C ASP C 31 0.98 -4.31 46.87
N ILE C 32 1.52 -5.18 46.03
CA ILE C 32 2.85 -4.99 45.51
C ILE C 32 2.79 -4.40 44.12
N LEU C 33 3.46 -3.27 43.93
CA LEU C 33 3.60 -2.70 42.61
C LEU C 33 4.90 -3.25 42.01
N TYR C 34 4.76 -4.38 41.34
CA TYR C 34 5.91 -5.20 40.93
C TYR C 34 6.94 -4.44 40.11
N HIS C 35 6.48 -3.54 39.23
CA HIS C 35 7.39 -2.90 38.28
C HIS C 35 7.95 -1.57 38.77
N PHE C 36 7.48 -1.12 39.93
CA PHE C 36 8.03 0.06 40.59
C PHE C 36 8.93 -0.34 41.78
N SER C 37 8.86 -1.59 42.22
CA SER C 37 9.55 -2.01 43.44
C SER C 37 8.98 -1.30 44.66
N LEU C 38 7.66 -1.14 44.69
CA LEU C 38 7.00 -0.48 45.81
C LEU C 38 5.94 -1.42 46.34
N SER C 39 5.75 -1.42 47.66
CA SER C 39 4.69 -2.23 48.24
C SER C 39 4.04 -1.48 49.39
N THR C 40 2.74 -1.69 49.58
CA THR C 40 2.03 -1.11 50.71
C THR C 40 2.60 -1.55 52.06
N SER C 41 3.33 -2.66 52.06
CA SER C 41 3.89 -3.14 53.32
C SER C 41 5.30 -2.61 53.57
N THR C 42 5.96 -2.11 52.54
CA THR C 42 7.32 -1.63 52.72
C THR C 42 7.41 -0.11 52.57
N HIS C 43 6.37 0.50 51.99
CA HIS C 43 6.37 1.94 51.78
C HIS C 43 5.13 2.62 52.33
N ASP C 44 5.29 3.89 52.66
CA ASP C 44 4.23 4.70 53.23
C ASP C 44 3.70 5.63 52.10
N PHE C 45 2.68 5.16 51.38
CA PHE C 45 2.20 5.85 50.18
C PHE C 45 1.66 7.28 50.44
N PRO C 46 0.77 7.45 51.43
CA PRO C 46 0.36 8.82 51.75
C PRO C 46 1.54 9.76 52.02
N ALA C 47 2.53 9.32 52.78
CA ALA C 47 3.69 10.18 53.09
C ALA C 47 4.52 10.51 51.87
N MET C 48 4.68 9.52 50.99
CA MET C 48 5.49 9.67 49.80
C MET C 48 4.79 10.49 48.70
N PHE C 49 3.49 10.26 48.51
CA PHE C 49 2.78 10.76 47.33
C PHE C 49 1.47 11.52 47.59
N GLY C 50 1.00 11.53 48.84
CA GLY C 50 -0.32 12.06 49.16
C GLY C 50 -0.47 13.50 48.71
N ASP C 51 0.69 14.11 48.58
CA ASP C 51 0.98 15.47 48.12
C ASP C 51 0.58 15.74 46.67
N VAL C 52 0.59 14.68 45.86
CA VAL C 52 0.67 14.79 44.40
C VAL C 52 -0.61 15.30 43.78
N LYS C 53 -0.50 16.35 42.97
CA LYS C 53 -1.66 16.90 42.26
C LYS C 53 -1.53 16.77 40.74
N PHE C 54 -0.30 16.68 40.25
CA PHE C 54 -0.04 16.60 38.82
C PHE C 54 0.86 15.42 38.46
N VAL C 55 0.35 14.52 37.62
CA VAL C 55 1.16 13.40 37.16
C VAL C 55 1.46 13.53 35.68
N CYS C 56 2.73 13.72 35.35
CA CYS C 56 3.17 13.74 33.96
C CYS C 56 3.78 12.40 33.61
N VAL C 57 3.38 11.83 32.48
CA VAL C 57 3.95 10.55 32.02
C VAL C 57 4.40 10.64 30.58
N GLY C 58 5.39 9.82 30.24
CA GLY C 58 5.98 9.80 28.91
C GLY C 58 6.90 8.59 28.77
N GLY C 59 7.34 8.30 27.55
CA GLY C 59 8.03 7.06 27.26
C GLY C 59 9.32 6.78 28.03
N SER C 60 10.30 7.69 27.92
CA SER C 60 11.63 7.40 28.44
C SER C 60 11.96 7.99 29.82
N PRO C 61 12.80 7.27 30.58
CA PRO C 61 13.35 7.83 31.82
C PRO C 61 13.97 9.21 31.56
N SER C 62 14.70 9.37 30.46
CA SER C 62 15.38 10.66 30.25
C SER C 62 14.39 11.80 29.94
N ARG C 63 13.37 11.52 29.15
CA ARG C 63 12.33 12.53 28.95
C ARG C 63 11.77 13.00 30.30
N MET C 64 11.47 12.04 31.18
CA MET C 64 10.72 12.34 32.39
C MET C 64 11.55 13.00 33.49
N LYS C 65 12.82 12.65 33.55
CA LYS C 65 13.74 13.36 34.44
C LYS C 65 13.96 14.78 33.93
N ALA C 66 14.12 14.91 32.61
CA ALA C 66 14.28 16.24 32.03
C ALA C 66 13.07 17.07 32.40
N PHE C 67 11.92 16.42 32.43
CA PHE C 67 10.70 17.15 32.74
C PHE C 67 10.65 17.62 34.20
N ILE C 68 11.00 16.73 35.13
CA ILE C 68 10.97 17.09 36.54
C ILE C 68 11.95 18.22 36.82
N LYS C 69 13.12 18.16 36.20
CA LYS C 69 14.13 19.18 36.37
C LYS C 69 13.62 20.53 35.87
N TYR C 70 13.04 20.54 34.67
CA TYR C 70 12.48 21.76 34.13
C TYR C 70 11.41 22.33 35.05
N VAL C 71 10.55 21.46 35.58
CA VAL C 71 9.43 21.95 36.35
C VAL C 71 9.87 22.42 37.74
N ALA C 72 10.94 21.82 38.27
CA ALA C 72 11.47 22.25 39.56
C ALA C 72 12.04 23.66 39.42
N MET C 73 12.74 23.90 38.32
CA MET C 73 13.27 25.23 38.02
C MET C 73 12.13 26.25 37.96
N GLU C 74 11.11 25.95 37.18
CA GLU C 74 9.95 26.84 37.05
C GLU C 74 9.22 27.06 38.37
N LEU C 75 9.13 26.03 39.20
CA LEU C 75 8.38 26.13 40.45
C LEU C 75 9.20 26.73 41.59
N GLY C 76 10.46 27.05 41.30
CA GLY C 76 11.33 27.62 42.31
C GLY C 76 11.72 26.59 43.35
N PHE C 77 12.06 25.39 42.89
CA PHE C 77 12.51 24.33 43.78
C PHE C 77 13.99 24.03 43.59
N ALA C 82 19.52 20.50 42.75
CA ALA C 82 20.30 19.41 43.32
C ALA C 82 20.06 18.10 42.57
N ASP C 83 19.98 17.01 43.31
CA ASP C 83 19.74 15.69 42.74
C ASP C 83 18.24 15.45 42.67
N TYR C 84 17.84 14.64 41.70
CA TYR C 84 16.44 14.23 41.56
C TYR C 84 16.43 12.72 41.46
N PRO C 85 16.31 12.05 42.61
CA PRO C 85 16.48 10.58 42.66
C PRO C 85 15.31 9.85 42.03
N ASN C 86 15.63 8.74 41.35
CA ASN C 86 14.64 7.82 40.84
C ASN C 86 14.00 7.10 42.02
N ILE C 87 12.67 7.16 42.12
CA ILE C 87 11.94 6.51 43.21
C ILE C 87 11.86 4.99 43.01
N CYS C 88 11.84 4.54 41.77
CA CYS C 88 11.89 3.11 41.47
C CYS C 88 13.35 2.67 41.61
N GLU C 89 13.60 1.37 41.56
CA GLU C 89 14.98 0.87 41.53
C GLU C 89 15.56 1.02 40.12
N GLY C 90 16.88 1.11 40.02
CA GLY C 90 17.53 1.28 38.73
C GLY C 90 17.23 0.15 37.76
N THR C 91 17.03 -1.04 38.31
CA THR C 91 16.74 -2.23 37.51
C THR C 91 15.25 -2.39 37.14
N ASP C 92 14.40 -1.48 37.62
CA ASP C 92 13.02 -1.43 37.15
C ASP C 92 13.00 -0.76 35.77
N TYR C 94 10.55 1.27 34.26
CA TYR C 94 9.86 2.48 34.69
C TYR C 94 10.65 3.28 35.71
N ALA C 95 10.74 4.59 35.45
CA ALA C 95 11.37 5.51 36.38
C ALA C 95 10.36 6.53 36.87
N MET C 96 10.63 7.11 38.04
CA MET C 96 9.68 7.98 38.69
C MET C 96 10.39 9.05 39.50
N PHE C 97 9.99 10.30 39.30
CA PHE C 97 10.57 11.41 40.03
C PHE C 97 9.51 12.31 40.65
N LYS C 98 9.86 12.99 41.73
CA LYS C 98 8.90 13.85 42.38
C LYS C 98 9.56 15.16 42.80
N VAL C 99 8.86 16.26 42.57
CA VAL C 99 9.22 17.53 43.20
C VAL C 99 7.93 18.26 43.54
N GLY C 100 7.76 18.54 44.83
CA GLY C 100 6.54 19.16 45.30
C GLY C 100 5.39 18.29 44.89
N PRO C 101 4.32 18.91 44.37
CA PRO C 101 3.08 18.20 44.04
C PRO C 101 3.11 17.62 42.63
N VAL C 102 4.31 17.51 42.05
CA VAL C 102 4.45 16.99 40.69
C VAL C 102 5.15 15.62 40.68
N LEU C 103 4.53 14.66 40.02
CA LEU C 103 5.11 13.32 39.85
C LEU C 103 5.37 13.07 38.37
N SER C 104 6.55 12.53 38.07
CA SER C 104 6.95 12.30 36.69
C SER C 104 7.30 10.81 36.54
N VAL C 105 6.67 10.13 35.58
CA VAL C 105 6.83 8.68 35.43
C VAL C 105 7.02 8.26 33.97
N SER C 106 8.04 7.43 33.70
CA SER C 106 8.23 6.92 32.33
C SER C 106 7.35 5.68 32.14
N HIS C 107 6.91 5.42 30.91
CA HIS C 107 6.02 4.28 30.68
C HIS C 107 6.49 3.25 29.66
N GLY C 108 7.64 3.48 29.03
CA GLY C 108 8.19 2.54 28.05
C GLY C 108 7.39 2.68 26.77
N MET C 109 7.72 1.92 25.74
CA MET C 109 6.94 2.07 24.52
C MET C 109 5.92 0.97 24.25
N GLY C 110 4.79 1.39 23.69
CA GLY C 110 3.75 0.49 23.29
C GLY C 110 2.64 0.35 24.30
N VAL C 111 1.45 0.08 23.80
CA VAL C 111 0.28 -0.20 24.64
C VAL C 111 0.57 -1.11 25.84
N PRO C 112 1.16 -2.30 25.61
CA PRO C 112 1.36 -3.22 26.73
C PRO C 112 2.22 -2.65 27.87
N SER C 113 3.26 -1.90 27.50
CA SER C 113 4.13 -1.28 28.50
C SER C 113 3.42 -0.19 29.29
N ILE C 114 2.72 0.69 28.60
CA ILE C 114 2.05 1.79 29.28
C ILE C 114 0.88 1.27 30.12
N ALA C 115 0.21 0.23 29.65
CA ALA C 115 -0.93 -0.30 30.41
C ALA C 115 -0.50 -0.79 31.81
N ILE C 116 0.65 -1.43 31.87
CA ILE C 116 1.15 -1.98 33.13
C ILE C 116 1.50 -0.84 34.08
N MET C 117 2.25 0.13 33.57
CA MET C 117 2.61 1.28 34.36
C MET C 117 1.38 2.01 34.92
N LEU C 118 0.38 2.21 34.07
CA LEU C 118 -0.84 2.89 34.50
C LEU C 118 -1.63 2.15 35.60
N HIS C 119 -1.73 0.83 35.49
CA HIS C 119 -2.38 0.05 36.54
C HIS C 119 -1.69 0.33 37.87
N GLU C 120 -0.36 0.27 37.85
CA GLU C 120 0.39 0.38 39.09
C GLU C 120 0.43 1.81 39.61
N LEU C 121 0.47 2.78 38.70
CA LEU C 121 0.41 4.20 39.06
C LEU C 121 -0.95 4.62 39.65
N ILE C 122 -2.04 4.19 39.03
CA ILE C 122 -3.37 4.51 39.56
C ILE C 122 -3.53 3.90 40.96
N LYS C 123 -3.02 2.68 41.17
CA LYS C 123 -3.09 2.06 42.49
C LYS C 123 -2.24 2.83 43.51
N LEU C 124 -1.08 3.29 43.06
CA LEU C 124 -0.22 4.14 43.86
C LEU C 124 -0.95 5.40 44.33
N LEU C 125 -1.65 6.06 43.42
CA LEU C 125 -2.33 7.29 43.73
C LEU C 125 -3.48 7.03 44.70
N TYR C 126 -4.11 5.87 44.54
CA TYR C 126 -5.19 5.44 45.44
C TYR C 126 -4.66 5.19 46.86
N HIS C 127 -3.54 4.47 46.98
CA HIS C 127 -2.99 4.14 48.29
C HIS C 127 -2.47 5.40 49.00
N ALA C 128 -2.18 6.42 48.21
CA ALA C 128 -1.60 7.64 48.74
C ALA C 128 -2.71 8.58 49.18
N HIS C 129 -3.95 8.20 48.89
CA HIS C 129 -5.12 9.05 49.13
C HIS C 129 -5.04 10.37 48.37
N CYS C 130 -4.52 10.36 47.14
CA CYS C 130 -4.44 11.61 46.38
C CYS C 130 -5.84 12.07 46.01
N SER C 131 -5.98 13.37 45.84
CA SER C 131 -7.25 13.97 45.47
C SER C 131 -7.01 15.06 44.43
N GLY C 132 -8.01 15.31 43.60
CA GLY C 132 -7.93 16.38 42.60
C GLY C 132 -6.70 16.28 41.71
N VAL C 133 -6.46 15.09 41.16
CA VAL C 133 -5.29 14.86 40.34
C VAL C 133 -5.55 15.15 38.87
N THR C 134 -4.52 15.57 38.15
CA THR C 134 -4.56 15.64 36.70
C THR C 134 -3.41 14.80 36.12
N LEU C 135 -3.70 13.94 35.14
CA LEU C 135 -2.66 13.15 34.47
C LEU C 135 -2.44 13.65 33.04
N ILE C 136 -1.19 13.89 32.67
CA ILE C 136 -0.91 14.36 31.33
C ILE C 136 0.22 13.57 30.69
N ARG C 137 -0.07 12.98 29.53
CA ARG C 137 0.98 12.32 28.78
C ARG C 137 1.67 13.32 27.83
N ILE C 138 2.99 13.33 27.86
CA ILE C 138 3.76 14.10 26.89
C ILE C 138 4.65 13.19 26.06
N GLY C 139 4.91 13.58 24.81
CA GLY C 139 5.78 12.78 23.97
C GLY C 139 5.91 13.33 22.57
N THR C 140 6.36 12.48 21.66
CA THR C 140 6.56 12.83 20.26
C THR C 140 5.53 12.09 19.41
N SER C 141 5.37 12.48 18.16
CA SER C 141 4.39 11.87 17.27
C SER C 141 4.70 12.18 15.83
N GLY C 142 4.15 11.39 14.91
CA GLY C 142 4.14 11.79 13.51
C GLY C 142 2.93 12.69 13.26
N GLY C 143 3.17 13.83 12.62
CA GLY C 143 2.09 14.73 12.29
C GLY C 143 1.45 14.48 10.93
N ILE C 144 0.20 14.91 10.79
CA ILE C 144 -0.50 14.87 9.52
C ILE C 144 -1.03 16.27 9.18
N GLY C 145 -0.43 16.91 8.18
CA GLY C 145 -0.89 18.22 7.74
C GLY C 145 -0.51 19.39 8.64
N LEU C 146 0.50 19.21 9.48
CA LEU C 146 1.00 20.30 10.32
C LEU C 146 2.50 20.45 10.08
N GLU C 147 3.02 21.67 10.19
CA GLU C 147 4.47 21.88 10.09
C GLU C 147 5.14 21.09 11.21
N PRO C 148 6.34 20.55 10.94
CA PRO C 148 7.09 19.86 11.98
C PRO C 148 7.28 20.78 13.19
N GLY C 149 7.23 20.21 14.38
CA GLY C 149 7.42 21.00 15.59
C GLY C 149 6.12 21.56 16.17
N SER C 150 5.01 21.30 15.48
CA SER C 150 3.70 21.69 16.01
C SER C 150 3.32 20.77 17.16
N VAL C 151 2.63 21.34 18.14
CA VAL C 151 2.18 20.57 19.26
C VAL C 151 0.69 20.30 19.10
N VAL C 152 0.28 19.09 19.43
CA VAL C 152 -1.12 18.72 19.34
C VAL C 152 -1.65 18.37 20.72
N ILE C 153 -2.73 19.04 21.11
CA ILE C 153 -3.46 18.72 22.31
C ILE C 153 -4.58 17.80 21.87
N THR C 154 -4.58 16.58 22.39
CA THR C 154 -5.47 15.54 21.91
C THR C 154 -6.88 15.73 22.47
N ARG C 155 -7.85 15.85 21.57
CA ARG C 155 -9.26 15.96 21.97
C ARG C 155 -9.84 14.57 22.11
N GLN C 156 -9.60 13.74 21.11
CA GLN C 156 -9.99 12.33 21.17
C GLN C 156 -8.83 11.45 20.71
N ALA C 157 -8.43 10.52 21.57
CA ALA C 157 -7.57 9.44 21.14
C ALA C 157 -8.44 8.55 20.25
N VAL C 158 -7.85 8.07 19.16
CA VAL C 158 -8.62 7.40 18.15
C VAL C 158 -7.89 6.17 17.61
N ASP C 159 -8.66 5.13 17.24
CA ASP C 159 -8.10 3.89 16.72
C ASP C 159 -7.77 4.03 15.24
N PRO C 160 -7.17 3.00 14.63
CA PRO C 160 -6.74 3.11 13.23
C PRO C 160 -7.89 3.18 12.22
N CYS C 161 -9.11 2.99 12.69
CA CYS C 161 -10.28 3.22 11.85
C CYS C 161 -10.92 4.58 12.18
N PHE C 162 -10.23 5.37 13.00
CA PHE C 162 -10.61 6.74 13.34
C PHE C 162 -11.74 6.82 14.38
N LYS C 163 -12.02 5.72 15.06
CA LYS C 163 -13.05 5.75 16.11
C LYS C 163 -12.46 6.01 17.51
N PRO C 164 -13.15 6.80 18.33
CA PRO C 164 -12.67 7.09 19.69
C PRO C 164 -12.93 5.95 20.68
N GLU C 165 -12.42 4.76 20.37
CA GLU C 165 -12.52 3.65 21.30
C GLU C 165 -11.28 2.78 21.30
N PHE C 166 -11.05 2.12 22.43
CA PHE C 166 -9.94 1.22 22.60
C PHE C 166 -10.52 -0.15 22.89
N GLU C 167 -10.19 -1.10 22.04
CA GLU C 167 -10.69 -2.46 22.21
C GLU C 167 -9.67 -3.27 22.94
N GLN C 168 -10.14 -4.12 23.84
CA GLN C 168 -9.26 -5.07 24.49
C GLN C 168 -10.02 -6.35 24.79
N ILE C 169 -9.28 -7.41 25.08
CA ILE C 169 -9.87 -8.71 25.39
C ILE C 169 -9.68 -9.07 26.87
N VAL C 170 -10.77 -9.34 27.55
CA VAL C 170 -10.73 -9.69 28.97
C VAL C 170 -11.37 -11.05 29.21
N LEU C 171 -10.55 -12.09 29.26
CA LEU C 171 -11.04 -13.45 29.49
C LEU C 171 -11.58 -14.07 28.21
N GLY C 172 -11.08 -13.60 27.07
CA GLY C 172 -11.52 -14.11 25.79
C GLY C 172 -12.62 -13.27 25.15
N LYS C 173 -13.11 -12.25 25.87
CA LYS C 173 -14.22 -11.44 25.38
C LYS C 173 -13.76 -10.04 25.00
N ARG C 174 -14.20 -9.58 23.84
CA ARG C 174 -13.95 -8.20 23.42
C ARG C 174 -14.66 -7.22 24.34
N GLU C 175 -13.88 -6.29 24.89
CA GLU C 175 -14.40 -5.15 25.62
C GLU C 175 -13.99 -3.86 24.90
N VAL C 176 -14.79 -2.81 25.05
CA VAL C 176 -14.52 -1.55 24.36
C VAL C 176 -14.72 -0.38 25.30
N ARG C 177 -13.81 0.59 25.24
CA ARG C 177 -13.86 1.74 26.13
C ARG C 177 -13.63 3.04 25.38
N ASN C 178 -14.37 4.08 25.77
CA ASN C 178 -14.29 5.38 25.12
C ASN C 178 -12.96 6.11 25.41
N THR C 179 -12.41 6.77 24.41
CA THR C 179 -11.08 7.37 24.56
C THR C 179 -11.07 8.89 24.37
N ASP C 180 -12.18 9.53 24.74
CA ASP C 180 -12.24 10.99 24.77
C ASP C 180 -11.41 11.53 25.92
N LEU C 181 -10.82 12.71 25.73
CA LEU C 181 -10.12 13.39 26.82
C LEU C 181 -10.90 14.61 27.32
N ASP C 182 -10.61 15.02 28.55
CA ASP C 182 -11.35 16.09 29.21
C ASP C 182 -11.37 17.37 28.35
N GLU C 183 -12.56 17.79 27.93
CA GLU C 183 -12.70 18.97 27.07
C GLU C 183 -12.24 20.29 27.72
N GLN C 184 -12.62 20.51 28.98
CA GLN C 184 -12.20 21.73 29.67
C GLN C 184 -10.67 21.77 29.75
N LEU C 185 -10.06 20.63 30.03
CA LEU C 185 -8.60 20.57 30.10
C LEU C 185 -7.95 20.91 28.76
N VAL C 186 -8.51 20.42 27.64
CA VAL C 186 -7.90 20.78 26.36
C VAL C 186 -7.93 22.29 26.13
N GLN C 187 -9.06 22.94 26.40
CA GLN C 187 -9.13 24.39 26.23
C GLN C 187 -8.14 25.14 27.13
N GLU C 188 -8.03 24.68 28.37
CA GLU C 188 -7.04 25.25 29.31
C GLU C 188 -5.62 25.17 28.76
N LEU C 189 -5.23 23.97 28.31
CA LEU C 189 -3.92 23.77 27.71
C LEU C 189 -3.72 24.69 26.50
N ALA C 190 -4.73 24.76 25.63
CA ALA C 190 -4.67 25.67 24.48
C ALA C 190 -4.39 27.12 24.90
N ARG C 191 -5.19 27.59 25.85
CA ARG C 191 -5.06 28.93 26.40
C ARG C 191 -3.66 29.14 26.97
N CYS C 192 -3.15 28.14 27.66
CA CYS C 192 -1.82 28.22 28.24
CA CYS C 192 -1.81 28.21 28.24
C CYS C 192 -0.76 28.34 27.15
N SER C 193 -0.91 27.56 26.08
CA SER C 193 0.03 27.60 24.97
C SER C 193 0.00 28.98 24.30
N ALA C 194 -1.19 29.57 24.23
CA ALA C 194 -1.37 30.91 23.66
C ALA C 194 -0.57 31.94 24.47
N GLU C 195 -0.58 31.80 25.79
CA GLU C 195 0.23 32.68 26.64
C GLU C 195 1.73 32.57 26.41
N LEU C 196 2.24 31.36 26.19
CA LEU C 196 3.67 31.16 25.91
C LEU C 196 4.09 31.76 24.58
N GLY C 197 3.26 31.58 23.56
CA GLY C 197 3.51 32.15 22.24
C GLY C 197 4.85 31.75 21.65
N GLU C 198 5.25 30.49 21.87
CA GLU C 198 6.56 29.99 21.42
C GLU C 198 6.51 29.04 20.22
N PHE C 199 5.36 28.39 20.00
CA PHE C 199 5.25 27.39 18.94
C PHE C 199 3.79 27.14 18.60
N PRO C 200 3.51 26.67 17.38
CA PRO C 200 2.14 26.37 16.93
C PRO C 200 1.56 25.23 17.74
N THR C 201 0.33 25.42 18.24
CA THR C 201 -0.33 24.42 19.07
C THR C 201 -1.75 24.30 18.57
N VAL C 202 -2.15 23.07 18.26
CA VAL C 202 -3.49 22.85 17.72
C VAL C 202 -4.20 21.76 18.50
N VAL C 203 -5.52 21.85 18.60
CA VAL C 203 -6.26 20.71 19.13
C VAL C 203 -6.77 19.84 17.99
N GLY C 204 -6.57 18.55 18.12
CA GLY C 204 -6.94 17.65 17.05
C GLY C 204 -7.08 16.28 17.64
N ASN C 205 -7.50 15.33 16.82
CA ASN C 205 -7.51 13.96 17.27
C ASN C 205 -6.14 13.28 17.07
N THR C 206 -5.88 12.23 17.83
CA THR C 206 -4.59 11.55 17.77
C THR C 206 -4.86 10.09 17.52
N MET C 207 -4.40 9.58 16.39
CA MET C 207 -4.53 8.15 16.15
C MET C 207 -3.40 7.35 16.82
N CYS C 208 -3.78 6.31 17.56
CA CYS C 208 -2.87 5.43 18.29
C CYS C 208 -2.84 4.08 17.58
N THR C 209 -1.67 3.66 17.12
CA THR C 209 -1.51 2.35 16.48
C THR C 209 -0.81 1.38 17.42
N LEU C 210 -1.05 0.09 17.22
CA LEU C 210 -0.38 -0.90 18.04
C LEU C 210 1.02 -1.10 17.46
N ASP C 211 1.09 -1.19 16.13
CA ASP C 211 2.33 -1.51 15.41
C ASP C 211 2.93 -0.29 14.68
N PHE C 212 4.26 -0.27 14.56
CA PHE C 212 4.97 0.86 13.92
C PHE C 212 5.09 0.74 12.40
N TYR C 213 5.85 -0.25 11.92
CA TYR C 213 6.17 -0.35 10.50
C TYR C 213 4.96 -0.58 9.57
N GLU C 214 4.18 -1.61 9.84
CA GLU C 214 3.00 -1.85 9.03
C GLU C 214 1.79 -1.11 9.59
N GLY C 215 1.77 -0.98 10.91
CA GLY C 215 0.65 -0.35 11.58
C GLY C 215 0.46 1.11 11.21
N GLN C 216 1.53 1.75 10.72
CA GLN C 216 1.49 3.17 10.37
C GLN C 216 1.69 3.39 8.88
N GLY C 217 1.62 2.30 8.11
CA GLY C 217 1.70 2.40 6.66
C GLY C 217 3.07 2.84 6.14
N ARG C 218 4.13 2.44 6.85
CA ARG C 218 5.50 2.75 6.42
C ARG C 218 5.96 1.86 5.27
N LEU C 219 6.87 2.39 4.45
CA LEU C 219 7.40 1.59 3.33
C LEU C 219 8.82 1.08 3.59
N ASP C 220 9.30 1.15 4.84
CA ASP C 220 10.69 0.77 5.12
C ASP C 220 10.83 -0.42 6.06
N GLY C 221 9.79 -1.22 6.20
CA GLY C 221 9.90 -2.38 7.05
C GLY C 221 10.41 -3.57 6.26
N ALA C 222 10.49 -4.72 6.92
CA ALA C 222 10.85 -5.97 6.25
C ALA C 222 9.65 -6.54 5.45
N LEU C 223 8.45 -6.09 5.79
CA LEU C 223 7.22 -6.56 5.15
C LEU C 223 6.44 -5.34 4.69
N CYS C 224 5.80 -5.43 3.53
CA CYS C 224 4.99 -4.33 2.99
C CYS C 224 3.90 -4.83 2.02
N SER C 225 2.68 -4.33 2.17
CA SER C 225 1.59 -4.81 1.32
C SER C 225 0.80 -3.67 0.67
N TYR C 226 1.46 -2.52 0.46
CA TYR C 226 0.78 -1.33 -0.01
C TYR C 226 1.81 -0.39 -0.63
N THR C 227 1.33 0.70 -1.23
CA THR C 227 2.19 1.67 -1.90
C THR C 227 2.16 3.02 -1.17
N GLU C 228 3.04 3.93 -1.58
CA GLU C 228 3.03 5.29 -1.04
C GLU C 228 1.67 5.94 -1.28
N LYS C 229 1.09 5.71 -2.47
CA LYS C 229 -0.24 6.27 -2.78
C LYS C 229 -1.35 5.72 -1.88
N ASP C 230 -1.30 4.41 -1.58
CA ASP C 230 -2.21 3.84 -0.59
C ASP C 230 -2.06 4.55 0.77
N LYS C 231 -0.81 4.71 1.20
CA LYS C 231 -0.55 5.31 2.50
C LYS C 231 -1.11 6.73 2.56
N GLN C 232 -0.77 7.54 1.55
CA GLN C 232 -1.19 8.93 1.49
C GLN C 232 -2.71 9.08 1.46
N ASP C 233 -3.38 8.19 0.73
CA ASP C 233 -4.83 8.20 0.69
C ASP C 233 -5.38 7.96 2.10
N TYR C 234 -4.79 7.00 2.80
CA TYR C 234 -5.19 6.71 4.18
C TYR C 234 -4.93 7.89 5.12
N LEU C 235 -3.78 8.54 4.97
CA LEU C 235 -3.43 9.70 5.81
C LEU C 235 -4.34 10.91 5.53
N ARG C 236 -4.68 11.10 4.27
CA ARG C 236 -5.61 12.15 3.88
C ARG C 236 -6.98 11.85 4.46
N ALA C 237 -7.38 10.58 4.46
CA ALA C 237 -8.65 10.21 5.07
C ALA C 237 -8.63 10.46 6.59
N ALA C 238 -7.52 10.15 7.24
CA ALA C 238 -7.39 10.44 8.67
C ALA C 238 -7.50 11.95 8.94
N TYR C 239 -6.81 12.76 8.15
CA TYR C 239 -6.84 14.22 8.33
C TYR C 239 -8.27 14.75 8.23
N ALA C 240 -9.02 14.24 7.26
CA ALA C 240 -10.40 14.67 7.03
C ALA C 240 -11.30 14.23 8.18
N ALA C 241 -10.91 13.18 8.90
CA ALA C 241 -11.62 12.76 10.10
C ALA C 241 -11.16 13.54 11.34
N GLY C 242 -10.35 14.58 11.14
CA GLY C 242 -9.92 15.43 12.24
C GLY C 242 -8.64 14.98 12.96
N ILE C 243 -7.97 13.97 12.42
CA ILE C 243 -6.72 13.50 13.02
C ILE C 243 -5.52 14.37 12.61
N ARG C 244 -4.69 14.76 13.58
CA ARG C 244 -3.52 15.60 13.29
C ARG C 244 -2.17 14.96 13.61
N ASN C 245 -2.18 13.86 14.35
CA ASN C 245 -0.93 13.18 14.69
C ASN C 245 -1.11 11.70 14.99
N ILE C 246 0.00 10.96 14.94
CA ILE C 246 0.00 9.52 15.14
C ILE C 246 1.04 9.15 16.16
N GLU C 247 0.65 8.39 17.17
CA GLU C 247 1.64 7.79 18.08
C GLU C 247 1.15 6.44 18.55
N MET C 248 1.70 5.93 19.65
CA MET C 248 1.48 4.52 20.00
C MET C 248 0.99 4.27 21.43
N GLU C 249 0.57 5.32 22.14
CA GLU C 249 0.12 5.11 23.51
C GLU C 249 -1.15 5.86 23.94
N ALA C 250 -1.63 6.80 23.13
CA ALA C 250 -2.71 7.67 23.58
C ALA C 250 -4.03 6.95 23.94
N SER C 251 -4.42 5.95 23.14
CA SER C 251 -5.68 5.24 23.37
C SER C 251 -5.80 4.57 24.74
N VAL C 252 -4.84 3.72 25.10
CA VAL C 252 -4.89 3.03 26.39
C VAL C 252 -4.88 4.04 27.52
N PHE C 253 -4.08 5.09 27.37
CA PHE C 253 -3.97 6.11 28.41
C PHE C 253 -5.33 6.73 28.70
N ALA C 254 -5.99 7.21 27.65
CA ALA C 254 -7.29 7.83 27.74
C ALA C 254 -8.35 6.85 28.25
N ALA C 255 -8.36 5.63 27.69
CA ALA C 255 -9.33 4.62 28.13
C ALA C 255 -9.21 4.30 29.62
N MET C 256 -7.98 4.16 30.10
CA MET C 256 -7.79 3.78 31.49
C MET C 256 -8.09 4.94 32.44
N CYS C 257 -7.75 6.15 32.04
CA CYS C 257 -8.06 7.32 32.87
C CYS C 257 -9.58 7.54 32.92
N ASN C 258 -10.24 7.38 31.78
CA ASN C 258 -11.70 7.46 31.72
C ASN C 258 -12.38 6.40 32.57
N ALA C 259 -11.87 5.17 32.52
CA ALA C 259 -12.43 4.08 33.30
C ALA C 259 -12.40 4.43 34.79
N CYS C 260 -11.35 5.12 35.21
CA CYS C 260 -11.18 5.44 36.62
C CYS C 260 -11.66 6.85 36.97
N GLY C 261 -12.32 7.52 36.04
CA GLY C 261 -12.80 8.88 36.26
C GLY C 261 -11.72 9.93 36.48
N LEU C 262 -10.53 9.69 35.94
CA LEU C 262 -9.38 10.60 36.12
C LEU C 262 -9.33 11.65 35.01
N ARG C 263 -9.12 12.90 35.40
CA ARG C 263 -8.95 13.99 34.44
C ARG C 263 -7.58 13.91 33.76
N ALA C 264 -7.56 13.83 32.43
CA ALA C 264 -6.32 13.56 31.70
C ALA C 264 -6.23 14.28 30.36
N ALA C 265 -4.99 14.51 29.93
CA ALA C 265 -4.70 15.16 28.66
C ALA C 265 -3.49 14.51 27.98
N VAL C 266 -3.43 14.63 26.66
CA VAL C 266 -2.26 14.18 25.92
C VAL C 266 -1.67 15.34 25.14
N VAL C 267 -0.36 15.55 25.28
CA VAL C 267 0.31 16.69 24.65
C VAL C 267 1.55 16.20 23.93
N CYS C 268 1.46 16.10 22.61
CA CYS C 268 2.58 15.60 21.81
C CYS C 268 3.02 16.60 20.74
N VAL C 269 4.33 16.72 20.60
CA VAL C 269 4.92 17.47 19.50
C VAL C 269 5.10 16.54 18.27
N THR C 270 4.94 17.11 17.07
CA THR C 270 5.19 16.36 15.84
C THR C 270 6.65 16.54 15.39
N LEU C 271 7.26 15.49 14.83
CA LEU C 271 8.65 15.57 14.39
C LEU C 271 8.74 15.69 12.85
N LEU C 272 7.61 15.49 12.19
CA LEU C 272 7.51 15.57 10.75
C LEU C 272 6.05 15.63 10.33
N ASN C 273 5.84 16.02 9.07
CA ASN C 273 4.55 15.98 8.41
C ASN C 273 4.57 14.79 7.46
N ARG C 274 3.87 13.72 7.82
CA ARG C 274 3.87 12.47 7.04
C ARG C 274 3.22 12.62 5.65
N LEU C 275 2.45 13.69 5.44
CA LEU C 275 1.99 13.99 4.09
C LEU C 275 3.13 14.36 3.14
N GLU C 276 4.29 14.67 3.70
CA GLU C 276 5.47 14.95 2.89
C GLU C 276 6.39 13.71 2.79
N GLY C 277 5.92 12.59 3.31
CA GLY C 277 6.76 11.41 3.34
C GLY C 277 7.31 11.21 4.74
N ASP C 278 8.08 10.15 4.94
CA ASP C 278 8.49 9.77 6.28
C ASP C 278 9.92 10.15 6.64
N GLN C 279 10.57 10.92 5.78
CA GLN C 279 11.89 11.44 6.15
C GLN C 279 11.76 12.52 7.23
N ILE C 280 12.59 12.40 8.26
CA ILE C 280 12.70 13.42 9.29
C ILE C 280 13.93 14.23 8.92
N SER C 281 13.70 15.39 8.31
CA SER C 281 14.75 16.22 7.76
C SER C 281 15.32 17.23 8.75
N SER C 282 14.66 17.40 9.89
CA SER C 282 15.13 18.42 10.84
C SER C 282 16.47 18.02 11.46
N PRO C 283 17.42 18.97 11.51
CA PRO C 283 18.69 18.78 12.21
C PRO C 283 18.43 18.35 13.65
N HIS C 284 19.31 17.54 14.23
CA HIS C 284 19.10 17.07 15.60
C HIS C 284 18.84 18.16 16.66
N ASP C 285 19.51 19.32 16.56
CA ASP C 285 19.25 20.43 17.50
C ASP C 285 17.84 20.95 17.44
N VAL C 286 17.32 21.01 16.21
CA VAL C 286 15.96 21.42 16.00
C VAL C 286 15.03 20.39 16.63
N LEU C 287 15.26 19.11 16.33
CA LEU C 287 14.51 18.03 16.97
C LEU C 287 14.59 18.17 18.49
N ALA C 288 15.76 18.52 18.99
CA ALA C 288 15.95 18.58 20.43
C ALA C 288 15.13 19.73 21.02
N GLU C 289 15.05 20.85 20.30
CA GLU C 289 14.16 21.93 20.69
C GLU C 289 12.69 21.46 20.66
N TYR C 290 12.28 20.75 19.60
CA TYR C 290 10.92 20.21 19.54
C TYR C 290 10.57 19.37 20.76
N GLN C 291 11.48 18.47 21.12
CA GLN C 291 11.31 17.56 22.26
C GLN C 291 10.86 18.27 23.52
N GLN C 292 11.32 19.50 23.69
CA GLN C 292 11.07 20.25 24.90
C GLN C 292 9.73 20.97 24.89
N ARG C 293 9.09 21.06 23.73
CA ARG C 293 7.88 21.87 23.63
C ARG C 293 6.72 21.37 24.50
N PRO C 294 6.47 20.04 24.53
CA PRO C 294 5.44 19.51 25.44
C PRO C 294 5.75 19.80 26.91
N GLN C 295 7.02 19.63 27.28
CA GLN C 295 7.51 19.90 28.63
C GLN C 295 7.26 21.36 29.01
N ARG C 296 7.56 22.28 28.08
CA ARG C 296 7.34 23.70 28.35
C ARG C 296 5.86 24.04 28.49
N LEU C 297 5.02 23.43 27.67
CA LEU C 297 3.60 23.70 27.76
C LEU C 297 2.99 23.17 29.06
N VAL C 298 3.33 21.93 29.38
CA VAL C 298 2.78 21.29 30.58
C VAL C 298 3.34 21.97 31.83
N GLY C 299 4.61 22.32 31.80
CA GLY C 299 5.23 23.06 32.90
C GLY C 299 4.50 24.35 33.19
N GLN C 300 4.12 25.06 32.13
CA GLN C 300 3.47 26.35 32.30
C GLN C 300 2.04 26.13 32.81
N PHE C 301 1.39 25.09 32.34
CA PHE C 301 0.05 24.76 32.83
C PHE C 301 0.11 24.56 34.35
N ILE C 302 1.10 23.82 34.80
CA ILE C 302 1.22 23.48 36.22
C ILE C 302 1.50 24.74 37.03
N LYS C 303 2.48 25.50 36.55
CA LYS C 303 2.88 26.73 37.20
C LYS C 303 1.68 27.64 37.42
N LYS C 304 0.82 27.75 36.41
CA LYS C 304 -0.36 28.61 36.51
C LYS C 304 -1.43 28.07 37.47
N ARG C 305 -1.63 26.76 37.45
CA ARG C 305 -2.58 26.11 38.37
C ARG C 305 -2.17 26.34 39.83
N LEU C 306 -0.87 26.42 40.07
CA LEU C 306 -0.35 26.49 41.42
C LEU C 306 -0.34 27.91 41.95
N MET C 307 -0.41 28.87 41.04
CA MET C 307 -0.44 30.27 41.44
C MET C 307 -1.87 30.76 41.60
N LEU D 17 18.99 -18.50 1.36
CA LEU D 17 19.26 -17.09 1.66
C LEU D 17 18.07 -16.42 2.33
N VAL D 18 18.35 -15.53 3.26
CA VAL D 18 17.31 -14.72 3.85
C VAL D 18 16.81 -13.74 2.79
N GLN D 19 15.50 -13.73 2.55
CA GLN D 19 14.92 -12.89 1.52
C GLN D 19 14.13 -11.73 2.13
N LEU D 20 13.68 -10.81 1.28
CA LEU D 20 12.79 -9.73 1.74
C LEU D 20 11.47 -9.70 0.98
N CYS D 21 10.39 -9.49 1.71
CA CYS D 21 9.08 -9.27 1.09
C CYS D 21 8.96 -7.85 0.58
N ASN D 22 9.64 -6.92 1.24
CA ASN D 22 9.56 -5.52 0.87
C ASN D 22 10.53 -5.06 -0.24
N PRO D 23 10.03 -4.91 -1.48
CA PRO D 23 10.86 -4.50 -2.62
C PRO D 23 11.41 -3.10 -2.48
N HIS D 24 10.81 -2.27 -1.63
CA HIS D 24 11.25 -0.89 -1.48
C HIS D 24 12.62 -0.82 -0.83
N ILE D 25 12.98 -1.85 -0.07
CA ILE D 25 14.28 -1.84 0.57
C ILE D 25 15.41 -1.85 -0.47
N ALA D 26 15.32 -2.73 -1.45
CA ALA D 26 16.34 -2.82 -2.50
C ALA D 26 16.40 -1.57 -3.38
N ALA D 27 15.27 -0.90 -3.54
CA ALA D 27 15.20 0.29 -4.37
C ALA D 27 15.98 1.44 -3.75
N MET D 28 16.05 1.44 -2.42
CA MET D 28 16.66 2.54 -1.67
C MET D 28 18.18 2.52 -1.74
N LYS D 29 18.77 3.70 -1.88
CA LYS D 29 20.22 3.78 -1.92
C LYS D 29 20.81 3.57 -0.51
N GLU D 30 20.05 3.89 0.52
CA GLU D 30 20.50 3.64 1.89
C GLU D 30 19.41 3.06 2.77
N ASP D 31 19.74 2.04 3.56
CA ASP D 31 18.78 1.50 4.52
C ASP D 31 19.35 1.70 5.92
N ILE D 32 18.59 2.42 6.75
CA ILE D 32 18.99 2.79 8.10
C ILE D 32 18.14 2.01 9.10
N LEU D 33 18.80 1.19 9.93
CA LEU D 33 18.08 0.47 10.98
C LEU D 33 18.08 1.37 12.20
N TYR D 34 17.04 2.21 12.27
CA TYR D 34 16.98 3.33 13.21
C TYR D 34 17.26 2.92 14.65
N HIS D 35 16.72 1.79 15.06
CA HIS D 35 16.79 1.38 16.46
C HIS D 35 18.03 0.57 16.81
N PHE D 36 18.87 0.27 15.82
CA PHE D 36 20.16 -0.39 16.06
C PHE D 36 21.31 0.58 15.82
N SER D 37 20.98 1.80 15.40
CA SER D 37 22.01 2.74 14.95
C SER D 37 22.96 2.08 13.94
N LEU D 38 22.39 1.35 12.99
CA LEU D 38 23.18 0.76 11.91
C LEU D 38 22.66 1.26 10.57
N SER D 39 23.56 1.40 9.61
CA SER D 39 23.17 1.81 8.28
C SER D 39 23.99 1.13 7.20
N THR D 40 23.34 0.91 6.08
CA THR D 40 23.95 0.34 4.90
C THR D 40 25.08 1.23 4.35
N SER D 41 25.00 2.53 4.58
CA SER D 41 26.02 3.43 4.07
C SER D 41 27.19 3.56 5.06
N THR D 42 26.98 3.17 6.31
CA THR D 42 28.04 3.28 7.30
C THR D 42 28.59 1.95 7.81
N HIS D 43 27.93 0.85 7.47
CA HIS D 43 28.33 -0.46 8.00
C HIS D 43 28.38 -1.52 6.92
N ASP D 44 29.33 -2.44 7.04
CA ASP D 44 29.49 -3.53 6.08
C ASP D 44 28.77 -4.76 6.63
N PHE D 45 27.54 -4.96 6.19
CA PHE D 45 26.67 -5.99 6.76
C PHE D 45 27.15 -7.44 6.52
N PRO D 46 27.52 -7.78 5.27
CA PRO D 46 28.08 -9.13 5.06
C PRO D 46 29.28 -9.40 5.98
N ALA D 47 30.17 -8.43 6.12
CA ALA D 47 31.36 -8.61 6.93
C ALA D 47 31.01 -8.67 8.43
N MET D 48 29.99 -7.94 8.85
CA MET D 48 29.67 -7.92 10.28
C MET D 48 28.85 -9.13 10.72
N PHE D 49 27.99 -9.62 9.84
CA PHE D 49 26.96 -10.59 10.23
C PHE D 49 26.79 -11.78 9.27
N GLY D 50 27.51 -11.78 8.16
CA GLY D 50 27.33 -12.79 7.13
C GLY D 50 27.39 -14.24 7.60
N ASP D 51 28.14 -14.49 8.67
CA ASP D 51 28.30 -15.82 9.23
C ASP D 51 27.29 -16.19 10.32
N VAL D 52 26.39 -15.26 10.65
CA VAL D 52 25.32 -15.58 11.60
C VAL D 52 24.46 -16.75 11.10
N LYS D 53 24.32 -17.78 11.91
CA LYS D 53 23.41 -18.88 11.62
C LYS D 53 22.31 -19.01 12.68
N PHE D 54 22.57 -18.49 13.87
CA PHE D 54 21.64 -18.62 14.99
C PHE D 54 21.37 -17.23 15.59
N VAL D 55 20.10 -16.85 15.64
CA VAL D 55 19.69 -15.62 16.28
C VAL D 55 18.80 -15.95 17.46
N CYS D 56 19.24 -15.59 18.66
CA CYS D 56 18.43 -15.80 19.85
C CYS D 56 17.94 -14.42 20.28
N VAL D 57 16.65 -14.33 20.62
CA VAL D 57 16.06 -13.05 21.01
C VAL D 57 15.29 -13.25 22.29
N GLY D 58 15.16 -12.17 23.06
CA GLY D 58 14.53 -12.19 24.37
C GLY D 58 14.31 -10.75 24.86
N GLY D 59 13.63 -10.58 25.98
CA GLY D 59 13.23 -9.25 26.43
C GLY D 59 14.35 -8.27 26.78
N SER D 60 15.19 -8.65 27.74
CA SER D 60 16.14 -7.69 28.31
C SER D 60 17.59 -7.83 27.84
N PRO D 61 18.31 -6.71 27.78
CA PRO D 61 19.74 -6.76 27.49
C PRO D 61 20.48 -7.69 28.45
N SER D 62 20.10 -7.73 29.72
CA SER D 62 20.85 -8.58 30.65
C SER D 62 20.65 -10.07 30.34
N ARG D 63 19.40 -10.47 30.06
CA ARG D 63 19.14 -11.85 29.62
C ARG D 63 19.95 -12.21 28.38
N MET D 64 20.09 -11.25 27.46
CA MET D 64 20.70 -11.57 26.18
C MET D 64 22.23 -11.51 26.21
N LYS D 65 22.79 -10.65 27.06
CA LYS D 65 24.23 -10.68 27.29
C LYS D 65 24.60 -11.93 28.07
N ALA D 66 23.73 -12.32 29.00
CA ALA D 66 23.92 -13.52 29.78
C ALA D 66 23.89 -14.70 28.83
N PHE D 67 22.99 -14.67 27.85
CA PHE D 67 22.96 -15.75 26.87
C PHE D 67 24.24 -15.83 26.03
N ILE D 68 24.71 -14.70 25.52
CA ILE D 68 25.89 -14.71 24.68
C ILE D 68 27.12 -15.23 25.45
N LYS D 69 27.25 -14.78 26.70
CA LYS D 69 28.31 -15.22 27.59
C LYS D 69 28.29 -16.74 27.78
N TYR D 70 27.10 -17.25 28.04
CA TYR D 70 26.92 -18.68 28.25
C TYR D 70 27.31 -19.50 27.03
N VAL D 71 26.86 -19.08 25.84
CA VAL D 71 27.15 -19.87 24.64
C VAL D 71 28.60 -19.71 24.20
N ALA D 72 29.16 -18.52 24.34
CA ALA D 72 30.58 -18.32 24.05
C ALA D 72 31.39 -19.38 24.79
N MET D 73 31.17 -19.49 26.08
CA MET D 73 31.86 -20.48 26.91
C MET D 73 31.56 -21.92 26.49
N GLU D 74 30.29 -22.23 26.28
CA GLU D 74 29.87 -23.58 25.90
C GLU D 74 30.40 -24.03 24.53
N LEU D 75 30.62 -23.07 23.65
CA LEU D 75 31.10 -23.36 22.29
C LEU D 75 32.62 -23.28 22.23
N GLY D 76 33.24 -22.87 23.33
CA GLY D 76 34.68 -22.78 23.40
C GLY D 76 35.28 -21.52 22.79
N PHE D 77 34.57 -20.40 22.90
CA PHE D 77 35.06 -19.14 22.33
C PHE D 77 35.72 -18.25 23.38
N ALA D 82 37.75 -10.56 28.38
CA ALA D 82 36.55 -11.34 28.09
C ALA D 82 35.34 -10.42 27.97
N ASP D 83 35.27 -9.67 26.87
CA ASP D 83 34.20 -8.68 26.71
C ASP D 83 33.32 -9.03 25.51
N TYR D 84 32.01 -8.85 25.69
CA TYR D 84 31.06 -8.98 24.59
C TYR D 84 30.36 -7.64 24.36
N PRO D 85 30.92 -6.81 23.48
CA PRO D 85 30.46 -5.42 23.34
C PRO D 85 29.10 -5.30 22.66
N ASN D 86 28.30 -4.35 23.13
CA ASN D 86 27.03 -4.06 22.51
C ASN D 86 27.25 -3.50 21.09
N ILE D 87 26.68 -4.18 20.10
CA ILE D 87 26.81 -3.73 18.72
C ILE D 87 25.90 -2.53 18.44
N CYS D 88 24.78 -2.45 19.16
CA CYS D 88 23.92 -1.27 19.08
C CYS D 88 24.52 -0.20 19.99
N GLU D 89 23.95 1.00 19.96
CA GLU D 89 24.44 2.06 20.81
C GLU D 89 23.76 1.97 22.19
N GLY D 90 24.50 2.32 23.23
CA GLY D 90 23.98 2.26 24.59
C GLY D 90 22.59 2.91 24.73
N THR D 91 22.35 3.94 23.92
CA THR D 91 21.09 4.68 23.91
C THR D 91 19.95 4.00 23.15
N ASP D 92 20.26 3.03 22.29
CA ASP D 92 19.24 2.34 21.50
C ASP D 92 18.26 1.53 22.38
N ARG D 93 17.06 1.28 21.85
CA ARG D 93 16.06 0.52 22.60
C ARG D 93 16.41 -0.97 22.72
N TYR D 94 17.25 -1.44 21.80
CA TYR D 94 17.62 -2.86 21.78
C TYR D 94 19.13 -3.00 21.94
N ALA D 95 19.57 -4.15 22.45
CA ALA D 95 20.99 -4.42 22.55
C ALA D 95 21.28 -5.69 21.77
N MET D 96 22.51 -5.83 21.31
CA MET D 96 22.88 -6.88 20.37
C MET D 96 24.32 -7.35 20.62
N PHE D 97 24.51 -8.65 20.71
CA PHE D 97 25.83 -9.23 20.96
C PHE D 97 26.08 -10.38 19.98
N LYS D 98 27.34 -10.60 19.63
CA LYS D 98 27.70 -11.65 18.67
C LYS D 98 28.94 -12.44 19.13
N VAL D 99 28.89 -13.75 18.97
CA VAL D 99 30.07 -14.57 19.11
C VAL D 99 29.98 -15.67 18.08
N GLY D 100 30.94 -15.71 17.17
CA GLY D 100 30.92 -16.69 16.10
C GLY D 100 29.61 -16.59 15.32
N PRO D 101 29.00 -17.74 15.04
CA PRO D 101 27.79 -17.76 14.21
C PRO D 101 26.54 -17.38 15.02
N VAL D 102 26.73 -16.89 16.24
CA VAL D 102 25.61 -16.65 17.14
C VAL D 102 25.36 -15.17 17.38
N LEU D 103 24.14 -14.74 17.10
CA LEU D 103 23.72 -13.36 17.37
C LEU D 103 22.62 -13.38 18.44
N SER D 104 22.77 -12.50 19.43
CA SER D 104 21.86 -12.41 20.56
C SER D 104 21.29 -10.98 20.59
N VAL D 105 19.96 -10.84 20.60
CA VAL D 105 19.32 -9.51 20.47
C VAL D 105 18.18 -9.31 21.48
N SER D 106 18.18 -8.19 22.21
CA SER D 106 17.07 -7.91 23.12
C SER D 106 15.92 -7.28 22.35
N HIS D 107 14.68 -7.49 22.81
CA HIS D 107 13.54 -6.99 22.05
C HIS D 107 12.58 -6.11 22.86
N GLY D 108 12.88 -5.90 24.13
CA GLY D 108 12.03 -5.08 24.97
C GLY D 108 10.69 -5.74 25.24
N MET D 109 9.76 -5.02 25.82
CA MET D 109 8.54 -5.71 26.25
C MET D 109 7.32 -5.35 25.41
N GLY D 110 6.64 -6.40 24.95
CA GLY D 110 5.36 -6.24 24.30
C GLY D 110 5.43 -6.34 22.79
N VAL D 111 4.31 -6.72 22.20
CA VAL D 111 4.20 -6.85 20.76
C VAL D 111 4.81 -5.68 19.95
N PRO D 112 4.48 -4.41 20.32
CA PRO D 112 4.98 -3.27 19.52
C PRO D 112 6.50 -3.15 19.52
N SER D 113 7.13 -3.39 20.66
CA SER D 113 8.58 -3.30 20.76
C SER D 113 9.27 -4.45 20.00
N ILE D 114 8.78 -5.66 20.15
CA ILE D 114 9.42 -6.78 19.47
C ILE D 114 9.22 -6.72 17.94
N ALA D 115 8.08 -6.21 17.50
CA ALA D 115 7.81 -6.11 16.06
C ALA D 115 8.81 -5.16 15.40
N ILE D 116 9.09 -4.06 16.07
CA ILE D 116 10.10 -3.12 15.56
C ILE D 116 11.47 -3.78 15.47
N MET D 117 11.92 -4.39 16.56
CA MET D 117 13.18 -5.12 16.52
C MET D 117 13.24 -6.11 15.34
N LEU D 118 12.19 -6.90 15.16
CA LEU D 118 12.18 -7.95 14.14
C LEU D 118 12.25 -7.41 12.71
N HIS D 119 11.56 -6.30 12.45
CA HIS D 119 11.62 -5.68 11.14
C HIS D 119 13.08 -5.32 10.82
N GLU D 120 13.75 -4.69 11.77
CA GLU D 120 15.11 -4.24 11.53
C GLU D 120 16.12 -5.40 11.49
N LEU D 121 15.89 -6.43 12.32
CA LEU D 121 16.78 -7.59 12.37
C LEU D 121 16.68 -8.43 11.09
N ILE D 122 15.45 -8.65 10.64
CA ILE D 122 15.23 -9.40 9.41
C ILE D 122 15.87 -8.67 8.20
N LYS D 123 15.82 -7.35 8.21
CA LYS D 123 16.49 -6.59 7.15
C LYS D 123 18.02 -6.70 7.26
N LEU D 124 18.51 -6.66 8.49
CA LEU D 124 19.91 -6.88 8.78
C LEU D 124 20.39 -8.22 8.19
N LEU D 125 19.65 -9.29 8.45
CA LEU D 125 20.03 -10.63 7.98
C LEU D 125 20.07 -10.66 6.45
N TYR D 126 19.16 -9.93 5.82
CA TYR D 126 19.11 -9.85 4.38
C TYR D 126 20.31 -9.07 3.83
N HIS D 127 20.57 -7.88 4.38
CA HIS D 127 21.72 -7.10 3.95
C HIS D 127 23.03 -7.88 4.12
N ALA D 128 23.09 -8.70 5.18
CA ALA D 128 24.27 -9.52 5.45
C ALA D 128 24.41 -10.73 4.50
N HIS D 129 23.39 -10.99 3.70
CA HIS D 129 23.33 -12.19 2.86
C HIS D 129 23.42 -13.47 3.69
N CYS D 130 22.82 -13.47 4.87
CA CYS D 130 22.85 -14.65 5.72
C CYS D 130 22.08 -15.78 5.08
N SER D 131 22.39 -16.99 5.49
CA SER D 131 21.73 -18.17 4.95
C SER D 131 21.59 -19.27 6.02
N GLY D 132 20.54 -20.08 5.88
CA GLY D 132 20.32 -21.21 6.78
C GLY D 132 20.25 -20.79 8.24
N VAL D 133 19.48 -19.73 8.49
CA VAL D 133 19.40 -19.14 9.80
C VAL D 133 18.24 -19.70 10.62
N THR D 134 18.42 -19.80 11.93
CA THR D 134 17.34 -20.15 12.83
C THR D 134 17.13 -19.03 13.87
N LEU D 135 15.88 -18.64 14.09
CA LEU D 135 15.55 -17.66 15.14
C LEU D 135 14.87 -18.36 16.31
N ILE D 136 15.34 -18.08 17.52
CA ILE D 136 14.71 -18.65 18.69
C ILE D 136 14.48 -17.60 19.77
N ARG D 137 13.25 -17.51 20.24
CA ARG D 137 12.95 -16.61 21.35
C ARG D 137 13.05 -17.36 22.67
N ILE D 138 13.68 -16.74 23.67
CA ILE D 138 13.76 -17.32 25.01
C ILE D 138 13.18 -16.33 26.00
N GLY D 139 12.57 -16.84 27.07
CA GLY D 139 12.02 -15.96 28.08
C GLY D 139 11.31 -16.72 29.18
N THR D 140 10.62 -15.98 30.04
CA THR D 140 9.84 -16.58 31.12
C THR D 140 8.37 -16.43 30.78
N SER D 141 7.54 -17.17 31.50
CA SER D 141 6.10 -17.17 31.22
C SER D 141 5.32 -17.64 32.44
N GLY D 142 4.01 -17.44 32.41
CA GLY D 142 3.15 -18.02 33.44
C GLY D 142 2.68 -19.38 32.93
N GLY D 143 2.83 -20.41 33.75
CA GLY D 143 2.46 -21.76 33.33
C GLY D 143 1.01 -22.07 33.67
N ILE D 144 0.45 -23.06 32.99
CA ILE D 144 -0.88 -23.58 33.29
C ILE D 144 -0.86 -25.12 33.37
N GLY D 145 -1.01 -25.65 34.58
CA GLY D 145 -1.07 -27.08 34.78
C GLY D 145 0.27 -27.81 34.69
N LEU D 146 1.37 -27.06 34.80
CA LEU D 146 2.71 -27.64 34.82
C LEU D 146 3.38 -27.19 36.10
N GLU D 147 4.31 -28.01 36.61
CA GLU D 147 5.10 -27.61 37.78
C GLU D 147 5.94 -26.40 37.41
N PRO D 148 6.14 -25.46 38.36
CA PRO D 148 7.02 -24.31 38.14
C PRO D 148 8.42 -24.75 37.71
N GLY D 149 9.01 -24.02 36.77
CA GLY D 149 10.33 -24.36 36.26
C GLY D 149 10.27 -25.23 35.03
N SER D 150 9.08 -25.68 34.67
CA SER D 150 8.91 -26.42 33.44
C SER D 150 9.19 -25.55 32.23
N VAL D 151 9.74 -26.16 31.18
CA VAL D 151 10.00 -25.45 29.96
C VAL D 151 8.95 -25.85 28.92
N VAL D 152 8.41 -24.86 28.21
CA VAL D 152 7.49 -25.16 27.14
C VAL D 152 8.12 -24.81 25.82
N ILE D 153 8.09 -25.75 24.88
CA ILE D 153 8.42 -25.46 23.49
C ILE D 153 7.10 -25.18 22.76
N THR D 154 6.98 -23.98 22.22
CA THR D 154 5.73 -23.57 21.59
C THR D 154 5.45 -24.23 20.23
N ARG D 155 4.30 -24.88 20.13
CA ARG D 155 3.83 -25.49 18.89
C ARG D 155 3.11 -24.42 18.06
N GLN D 156 2.12 -23.80 18.69
CA GLN D 156 1.41 -22.67 18.12
C GLN D 156 1.38 -21.59 19.17
N ALA D 157 1.75 -20.37 18.77
CA ALA D 157 1.44 -19.20 19.56
C ALA D 157 -0.03 -18.99 19.28
N VAL D 158 -0.78 -18.59 20.30
CA VAL D 158 -2.22 -18.58 20.18
C VAL D 158 -2.82 -17.31 20.77
N ASP D 159 -4.03 -17.00 20.31
CA ASP D 159 -4.90 -15.91 20.79
C ASP D 159 -5.41 -16.04 22.20
N PRO D 160 -5.82 -14.90 22.80
CA PRO D 160 -6.61 -14.94 24.04
C PRO D 160 -7.94 -15.66 23.81
N CYS D 161 -8.28 -15.92 22.55
CA CYS D 161 -9.45 -16.73 22.21
C CYS D 161 -9.00 -18.13 21.84
N PHE D 162 -7.71 -18.39 22.04
CA PHE D 162 -7.08 -19.68 21.76
C PHE D 162 -6.92 -20.00 20.27
N LYS D 163 -7.05 -19.01 19.41
CA LYS D 163 -6.80 -19.23 17.97
C LYS D 163 -5.35 -18.96 17.58
N PRO D 164 -4.80 -19.83 16.71
CA PRO D 164 -3.44 -19.67 16.20
C PRO D 164 -3.36 -18.59 15.10
N GLU D 165 -3.81 -17.39 15.44
CA GLU D 165 -3.82 -16.27 14.50
C GLU D 165 -3.29 -15.03 15.18
N PHE D 166 -2.65 -14.17 14.40
CA PHE D 166 -2.29 -12.85 14.89
C PHE D 166 -2.84 -11.84 13.89
N GLU D 167 -3.61 -10.89 14.42
CA GLU D 167 -4.29 -9.89 13.62
C GLU D 167 -3.70 -8.52 13.86
N GLN D 168 -3.63 -7.74 12.79
CA GLN D 168 -3.28 -6.33 12.92
C GLN D 168 -4.07 -5.51 11.91
N ILE D 169 -4.04 -4.19 12.04
CA ILE D 169 -4.76 -3.30 11.13
C ILE D 169 -3.78 -2.48 10.29
N VAL D 170 -3.72 -2.79 8.99
CA VAL D 170 -2.83 -2.08 8.09
C VAL D 170 -3.61 -1.10 7.22
N LEU D 171 -3.42 0.18 7.47
CA LEU D 171 -4.09 1.24 6.70
C LEU D 171 -5.60 1.21 6.95
N GLY D 172 -5.99 0.72 8.12
CA GLY D 172 -7.40 0.65 8.47
C GLY D 172 -8.08 -0.68 8.21
N LYS D 173 -7.38 -1.64 7.60
CA LYS D 173 -7.98 -2.95 7.33
C LYS D 173 -7.38 -4.07 8.19
N ARG D 174 -8.24 -4.98 8.63
CA ARG D 174 -7.80 -6.15 9.41
C ARG D 174 -7.07 -7.13 8.50
N GLU D 175 -5.86 -7.48 8.91
CA GLU D 175 -5.06 -8.50 8.23
C GLU D 175 -4.73 -9.59 9.26
N VAL D 176 -4.72 -10.83 8.82
CA VAL D 176 -4.51 -11.96 9.72
C VAL D 176 -3.33 -12.80 9.27
N ARG D 177 -2.53 -13.25 10.23
CA ARG D 177 -1.43 -14.16 9.92
C ARG D 177 -1.47 -15.37 10.83
N ASN D 178 -1.04 -16.50 10.31
CA ASN D 178 -1.00 -17.73 11.08
C ASN D 178 0.23 -17.76 11.96
N THR D 179 0.08 -18.31 13.16
CA THR D 179 1.18 -18.33 14.11
C THR D 179 1.67 -19.73 14.51
N ASP D 180 1.61 -20.70 13.59
CA ASP D 180 2.27 -21.99 13.80
C ASP D 180 3.77 -21.83 13.80
N LEU D 181 4.47 -22.57 14.65
CA LEU D 181 5.92 -22.60 14.54
C LEU D 181 6.40 -23.89 13.86
N ASP D 182 7.64 -23.89 13.39
CA ASP D 182 8.19 -25.02 12.63
C ASP D 182 8.16 -26.33 13.43
N GLU D 183 7.40 -27.31 12.95
CA GLU D 183 7.21 -28.55 13.70
C GLU D 183 8.49 -29.37 13.83
N GLN D 184 9.33 -29.36 12.81
CA GLN D 184 10.58 -30.09 12.89
C GLN D 184 11.49 -29.49 13.95
N LEU D 185 11.51 -28.16 14.01
CA LEU D 185 12.32 -27.48 14.99
C LEU D 185 11.84 -27.80 16.40
N VAL D 186 10.51 -27.86 16.63
CA VAL D 186 10.05 -28.17 17.98
C VAL D 186 10.48 -29.58 18.42
N GLN D 187 10.44 -30.53 17.48
CA GLN D 187 10.82 -31.91 17.77
C GLN D 187 12.32 -32.00 18.07
N GLU D 188 13.12 -31.31 17.26
CA GLU D 188 14.55 -31.24 17.52
C GLU D 188 14.87 -30.59 18.87
N LEU D 189 14.17 -29.51 19.22
CA LEU D 189 14.39 -28.89 20.51
C LEU D 189 13.95 -29.82 21.64
N ALA D 190 12.88 -30.57 21.42
CA ALA D 190 12.45 -31.55 22.43
C ALA D 190 13.56 -32.60 22.63
N ARG D 191 14.12 -33.09 21.52
CA ARG D 191 15.21 -34.06 21.60
C ARG D 191 16.38 -33.47 22.36
N CYS D 192 16.67 -32.20 22.09
CA CYS D 192 17.79 -31.52 22.74
C CYS D 192 17.59 -31.43 24.24
N SER D 193 16.37 -31.16 24.67
CA SER D 193 16.08 -31.06 26.10
C SER D 193 16.24 -32.42 26.80
N ALA D 194 15.88 -33.49 26.10
CA ALA D 194 16.03 -34.83 26.64
C ALA D 194 17.53 -35.17 26.80
N GLU D 195 18.35 -34.70 25.87
CA GLU D 195 19.80 -34.89 25.98
C GLU D 195 20.37 -34.26 27.25
N LEU D 196 19.91 -33.06 27.58
CA LEU D 196 20.34 -32.36 28.78
C LEU D 196 19.87 -33.06 30.06
N GLY D 197 18.59 -33.46 30.09
CA GLY D 197 18.05 -34.16 31.23
C GLY D 197 18.06 -33.41 32.55
N GLU D 198 17.78 -32.11 32.53
CA GLU D 198 17.92 -31.28 33.71
C GLU D 198 16.60 -30.71 34.24
N PHE D 199 15.58 -30.69 33.39
CA PHE D 199 14.30 -30.09 33.78
C PHE D 199 13.20 -30.60 32.87
N PRO D 200 11.94 -30.57 33.34
CA PRO D 200 10.83 -31.05 32.53
C PRO D 200 10.57 -30.12 31.37
N THR D 201 10.39 -30.67 30.18
CA THR D 201 10.10 -29.89 28.98
C THR D 201 8.95 -30.56 28.23
N VAL D 202 7.98 -29.75 27.81
CA VAL D 202 6.85 -30.25 27.04
C VAL D 202 6.63 -29.36 25.82
N VAL D 203 6.04 -29.91 24.76
CA VAL D 203 5.56 -29.05 23.68
C VAL D 203 4.08 -28.75 23.89
N GLY D 204 3.71 -27.50 23.67
CA GLY D 204 2.33 -27.11 23.86
C GLY D 204 2.07 -25.75 23.28
N ASN D 205 0.83 -25.29 23.39
CA ASN D 205 0.54 -23.94 22.92
C ASN D 205 0.82 -22.85 23.94
N THR D 206 1.09 -21.66 23.43
CA THR D 206 1.44 -20.53 24.27
C THR D 206 0.49 -19.40 23.93
N MET D 207 -0.21 -18.91 24.93
CA MET D 207 -1.12 -17.81 24.71
C MET D 207 -0.37 -16.49 24.86
N CYS D 208 -0.69 -15.55 23.97
CA CYS D 208 -0.01 -14.27 23.93
C CYS D 208 -1.04 -13.16 24.13
N THR D 209 -0.85 -12.36 25.17
CA THR D 209 -1.81 -11.31 25.49
C THR D 209 -1.16 -9.94 25.33
N LEU D 210 -1.95 -8.96 24.94
CA LEU D 210 -1.49 -7.58 24.83
C LEU D 210 -1.60 -6.87 26.16
N ASP D 211 -2.22 -7.52 27.13
CA ASP D 211 -2.52 -6.86 28.38
C ASP D 211 -2.20 -7.77 29.58
N PHE D 212 -1.36 -7.27 30.47
CA PHE D 212 -0.93 -8.05 31.63
C PHE D 212 -2.03 -8.22 32.69
N TYR D 213 -2.53 -7.11 33.21
CA TYR D 213 -3.48 -7.19 34.32
C TYR D 213 -4.88 -7.69 33.92
N GLU D 214 -5.45 -7.13 32.86
CA GLU D 214 -6.77 -7.56 32.43
C GLU D 214 -6.80 -8.64 31.36
N GLY D 215 -5.74 -8.74 30.57
CA GLY D 215 -5.72 -9.71 29.48
C GLY D 215 -5.36 -11.14 29.92
N GLN D 216 -4.72 -11.25 31.07
CA GLN D 216 -4.30 -12.56 31.57
C GLN D 216 -5.16 -13.04 32.73
N GLY D 217 -6.26 -12.34 32.99
CA GLY D 217 -7.17 -12.75 34.06
C GLY D 217 -6.60 -12.56 35.46
N ARG D 218 -5.67 -11.62 35.63
CA ARG D 218 -5.12 -11.32 36.94
C ARG D 218 -6.16 -10.56 37.73
N LEU D 219 -6.06 -10.62 39.06
CA LEU D 219 -7.04 -9.96 39.91
C LEU D 219 -6.51 -8.69 40.57
N ASP D 220 -5.25 -8.33 40.29
CA ASP D 220 -4.59 -7.24 41.01
C ASP D 220 -4.29 -5.95 40.24
N GLY D 221 -5.00 -5.70 39.14
CA GLY D 221 -4.86 -4.45 38.42
C GLY D 221 -5.63 -3.33 39.11
N ALA D 222 -5.58 -2.13 38.55
CA ALA D 222 -6.40 -1.03 39.04
C ALA D 222 -7.82 -1.23 38.58
N LEU D 223 -7.97 -1.96 37.47
CA LEU D 223 -9.28 -2.31 36.94
C LEU D 223 -9.42 -3.83 36.87
N CYS D 224 -10.55 -4.34 37.32
CA CYS D 224 -10.86 -5.77 37.21
C CYS D 224 -12.36 -5.99 37.35
N SER D 225 -12.95 -6.63 36.34
CA SER D 225 -14.40 -6.80 36.28
C SER D 225 -14.84 -8.24 36.54
N TYR D 226 -13.91 -9.10 36.98
CA TYR D 226 -14.19 -10.52 37.14
C TYR D 226 -13.64 -11.06 38.46
N THR D 227 -13.79 -12.36 38.70
CA THR D 227 -13.38 -12.95 39.97
C THR D 227 -12.41 -14.10 39.77
N GLU D 228 -11.91 -14.65 40.87
CA GLU D 228 -10.98 -15.76 40.82
C GLU D 228 -11.58 -16.95 40.08
N LYS D 229 -12.88 -17.17 40.27
CA LYS D 229 -13.58 -18.29 39.64
C LYS D 229 -13.67 -18.11 38.13
N ASP D 230 -13.89 -16.86 37.70
CA ASP D 230 -13.82 -16.52 36.28
C ASP D 230 -12.44 -16.82 35.72
N LYS D 231 -11.41 -16.42 36.46
CA LYS D 231 -10.05 -16.62 36.01
C LYS D 231 -9.80 -18.11 35.80
N GLN D 232 -10.20 -18.91 36.77
CA GLN D 232 -9.95 -20.35 36.71
C GLN D 232 -10.75 -21.01 35.59
N ASP D 233 -12.00 -20.59 35.41
CA ASP D 233 -12.78 -21.13 34.31
C ASP D 233 -12.01 -20.90 33.03
N TYR D 234 -11.49 -19.68 32.88
CA TYR D 234 -10.78 -19.26 31.68
C TYR D 234 -9.50 -20.04 31.48
N LEU D 235 -8.72 -20.19 32.55
CA LEU D 235 -7.45 -20.91 32.50
C LEU D 235 -7.62 -22.42 32.25
N ARG D 236 -8.69 -22.99 32.78
CA ARG D 236 -8.98 -24.42 32.53
C ARG D 236 -9.42 -24.59 31.09
N ALA D 237 -10.16 -23.62 30.56
CA ALA D 237 -10.56 -23.68 29.16
C ALA D 237 -9.32 -23.55 28.29
N ALA D 238 -8.42 -22.66 28.69
CA ALA D 238 -7.16 -22.49 27.96
C ALA D 238 -6.37 -23.81 27.96
N TYR D 239 -6.23 -24.44 29.12
CA TYR D 239 -5.53 -25.72 29.22
C TYR D 239 -6.17 -26.80 28.33
N ALA D 240 -7.50 -26.89 28.34
CA ALA D 240 -8.21 -27.88 27.53
C ALA D 240 -7.94 -27.66 26.04
N ALA D 241 -7.74 -26.41 25.65
CA ALA D 241 -7.40 -26.11 24.27
C ALA D 241 -5.92 -26.34 23.94
N GLY D 242 -5.16 -26.89 24.89
CA GLY D 242 -3.79 -27.31 24.62
C GLY D 242 -2.71 -26.28 24.98
N ILE D 243 -3.14 -25.20 25.64
CA ILE D 243 -2.24 -24.15 26.08
C ILE D 243 -1.55 -24.50 27.40
N ARG D 244 -0.23 -24.33 27.45
CA ARG D 244 0.52 -24.66 28.65
C ARG D 244 1.21 -23.46 29.32
N ASN D 245 1.31 -22.34 28.61
CA ASN D 245 1.90 -21.14 29.17
C ASN D 245 1.38 -19.87 28.50
N ILE D 246 1.67 -18.73 29.14
CA ILE D 246 1.17 -17.43 28.71
C ILE D 246 2.30 -16.42 28.76
N GLU D 247 2.50 -15.69 27.67
CA GLU D 247 3.45 -14.59 27.69
C GLU D 247 3.01 -13.45 26.75
N MET D 248 3.92 -12.56 26.38
CA MET D 248 3.47 -11.37 25.64
C MET D 248 4.14 -11.05 24.32
N GLU D 249 4.89 -12.00 23.74
CA GLU D 249 5.56 -11.73 22.47
C GLU D 249 5.50 -12.83 21.41
N ALA D 250 5.14 -14.06 21.80
CA ALA D 250 5.22 -15.21 20.90
C ALA D 250 4.45 -15.03 19.58
N SER D 251 3.24 -14.46 19.65
CA SER D 251 2.39 -14.29 18.48
C SER D 251 3.01 -13.50 17.32
N VAL D 252 3.45 -12.28 17.58
CA VAL D 252 4.07 -11.49 16.51
C VAL D 252 5.34 -12.14 16.01
N PHE D 253 6.13 -12.68 16.92
CA PHE D 253 7.34 -13.39 16.54
C PHE D 253 7.04 -14.49 15.53
N ALA D 254 6.08 -15.34 15.87
CA ALA D 254 5.67 -16.41 14.98
C ALA D 254 5.13 -15.85 13.66
N ALA D 255 4.19 -14.92 13.77
CA ALA D 255 3.54 -14.39 12.57
C ALA D 255 4.58 -13.83 11.62
N MET D 256 5.51 -13.04 12.16
CA MET D 256 6.50 -12.37 11.31
C MET D 256 7.49 -13.34 10.70
N CYS D 257 7.98 -14.29 11.49
CA CYS D 257 8.93 -15.29 10.98
C CYS D 257 8.27 -16.15 9.90
N ASN D 258 7.00 -16.47 10.05
CA ASN D 258 6.28 -17.23 9.03
C ASN D 258 6.23 -16.45 7.75
N ALA D 259 5.80 -15.18 7.85
CA ALA D 259 5.65 -14.33 6.69
C ALA D 259 6.98 -14.13 5.96
N CYS D 260 8.07 -14.15 6.71
CA CYS D 260 9.39 -13.93 6.11
C CYS D 260 10.09 -15.24 5.72
N GLY D 261 9.39 -16.36 5.89
CA GLY D 261 9.94 -17.66 5.52
C GLY D 261 11.11 -18.10 6.40
N LEU D 262 11.13 -17.66 7.65
CA LEU D 262 12.24 -18.01 8.53
C LEU D 262 11.84 -19.09 9.53
N ARG D 263 12.69 -20.09 9.70
CA ARG D 263 12.44 -21.14 10.69
C ARG D 263 12.68 -20.60 12.09
N ALA D 264 11.71 -20.81 12.97
CA ALA D 264 11.70 -20.12 14.24
C ALA D 264 11.08 -20.96 15.34
N ALA D 265 11.51 -20.72 16.57
CA ALA D 265 10.98 -21.45 17.71
C ALA D 265 10.84 -20.52 18.92
N VAL D 266 9.99 -20.90 19.86
CA VAL D 266 9.87 -20.19 21.12
C VAL D 266 10.09 -21.18 22.27
N VAL D 267 11.00 -20.84 23.17
CA VAL D 267 11.33 -21.64 24.34
C VAL D 267 11.27 -20.80 25.61
N CYS D 268 10.24 -21.03 26.42
CA CYS D 268 10.04 -20.29 27.67
C CYS D 268 9.95 -21.19 28.89
N VAL D 269 10.54 -20.76 29.99
CA VAL D 269 10.39 -21.46 31.26
C VAL D 269 9.17 -20.89 32.02
N THR D 270 8.43 -21.73 32.74
CA THR D 270 7.32 -21.23 33.53
C THR D 270 7.84 -20.86 34.93
N LEU D 271 7.37 -19.72 35.45
CA LEU D 271 7.82 -19.29 36.77
C LEU D 271 6.81 -19.68 37.86
N LEU D 272 5.63 -20.09 37.44
CA LEU D 272 4.57 -20.51 38.39
C LEU D 272 3.46 -21.24 37.66
N ASN D 273 2.67 -22.01 38.41
CA ASN D 273 1.46 -22.61 37.86
C ASN D 273 0.25 -21.76 38.26
N ARG D 274 -0.32 -21.08 37.27
CA ARG D 274 -1.44 -20.18 37.49
C ARG D 274 -2.61 -20.88 38.15
N LEU D 275 -2.84 -22.13 37.79
CA LEU D 275 -3.97 -22.87 38.36
C LEU D 275 -3.89 -22.83 39.87
N GLU D 276 -2.70 -22.57 40.42
CA GLU D 276 -2.52 -22.51 41.88
C GLU D 276 -2.60 -21.08 42.41
N GLY D 277 -2.82 -20.13 41.51
CA GLY D 277 -2.85 -18.73 41.88
C GLY D 277 -1.69 -18.00 41.26
N ASP D 278 -1.58 -16.70 41.53
CA ASP D 278 -0.63 -15.86 40.84
C ASP D 278 0.56 -15.49 41.70
N GLN D 279 0.66 -16.11 42.86
CA GLN D 279 1.83 -15.97 43.69
C GLN D 279 2.99 -16.74 43.07
N ILE D 280 4.13 -16.08 42.97
CA ILE D 280 5.37 -16.77 42.65
C ILE D 280 6.02 -17.23 43.95
N SER D 281 5.89 -18.53 44.22
CA SER D 281 6.22 -19.09 45.53
C SER D 281 7.55 -19.81 45.56
N SER D 282 8.42 -19.53 44.59
CA SER D 282 9.76 -20.12 44.57
C SER D 282 10.81 -19.19 45.19
N PRO D 283 11.75 -19.76 45.96
CA PRO D 283 12.82 -18.94 46.53
C PRO D 283 13.67 -18.29 45.44
N HIS D 284 14.44 -17.28 45.82
CA HIS D 284 15.28 -16.54 44.88
C HIS D 284 16.28 -17.43 44.12
N ASP D 285 17.03 -18.25 44.85
CA ASP D 285 18.03 -19.10 44.21
C ASP D 285 17.39 -20.08 43.22
N VAL D 286 16.17 -20.52 43.52
CA VAL D 286 15.48 -21.47 42.66
C VAL D 286 15.01 -20.77 41.38
N LEU D 287 14.48 -19.56 41.52
CA LEU D 287 14.10 -18.76 40.37
C LEU D 287 15.30 -18.45 39.48
N ALA D 288 16.45 -18.16 40.09
CA ALA D 288 17.69 -17.91 39.33
C ALA D 288 18.03 -19.07 38.42
N GLU D 289 17.83 -20.28 38.92
CA GLU D 289 18.07 -21.49 38.12
C GLU D 289 17.07 -21.56 36.97
N TYR D 290 15.79 -21.34 37.30
CA TYR D 290 14.72 -21.41 36.31
C TYR D 290 15.03 -20.47 35.16
N GLN D 291 15.54 -19.30 35.51
CA GLN D 291 15.80 -18.24 34.53
C GLN D 291 16.77 -18.69 33.44
N GLN D 292 17.67 -19.61 33.78
CA GLN D 292 18.75 -20.06 32.88
C GLN D 292 18.35 -21.23 31.98
N ARG D 293 17.20 -21.83 32.29
CA ARG D 293 16.81 -23.06 31.60
C ARG D 293 16.62 -22.91 30.07
N PRO D 294 15.92 -21.85 29.61
CA PRO D 294 15.77 -21.68 28.16
C PRO D 294 17.13 -21.48 27.49
N GLN D 295 18.03 -20.78 28.17
CA GLN D 295 19.36 -20.50 27.66
C GLN D 295 20.16 -21.80 27.53
N ARG D 296 20.03 -22.67 28.52
CA ARG D 296 20.72 -23.96 28.47
C ARG D 296 20.20 -24.85 27.35
N LEU D 297 18.87 -24.90 27.19
CA LEU D 297 18.31 -25.67 26.08
C LEU D 297 18.79 -25.13 24.73
N VAL D 298 18.65 -23.82 24.51
CA VAL D 298 19.10 -23.23 23.24
C VAL D 298 20.60 -23.44 23.02
N GLY D 299 21.39 -23.31 24.09
CA GLY D 299 22.81 -23.62 23.99
C GLY D 299 23.11 -25.03 23.52
N GLN D 300 22.29 -25.98 23.95
CA GLN D 300 22.47 -27.39 23.59
C GLN D 300 22.11 -27.61 22.10
N PHE D 301 21.01 -27.02 21.66
CA PHE D 301 20.62 -27.06 20.26
C PHE D 301 21.72 -26.51 19.34
N ILE D 302 22.24 -25.33 19.68
CA ILE D 302 23.30 -24.72 18.87
C ILE D 302 24.58 -25.57 18.92
N LYS D 303 24.89 -26.10 20.09
CA LYS D 303 26.04 -26.99 20.24
C LYS D 303 25.93 -28.19 19.29
N LYS D 304 24.75 -28.80 19.23
CA LYS D 304 24.53 -29.98 18.41
C LYS D 304 24.58 -29.68 16.91
N ARG D 305 23.97 -28.56 16.52
CA ARG D 305 23.97 -28.11 15.12
C ARG D 305 25.38 -27.91 14.61
N LEU D 306 26.25 -27.40 15.46
CA LEU D 306 27.63 -27.10 15.09
C LEU D 306 28.57 -28.30 15.20
N MET D 307 28.05 -29.43 15.66
CA MET D 307 28.84 -30.65 15.67
C MET D 307 28.45 -31.54 14.50
#